data_9LEO
#
_entry.id   9LEO
#
_cell.length_a   1.00
_cell.length_b   1.00
_cell.length_c   1.00
_cell.angle_alpha   90.00
_cell.angle_beta   90.00
_cell.angle_gamma   90.00
#
_symmetry.space_group_name_H-M   'P 1'
#
loop_
_entity.id
_entity.type
_entity.pdbx_description
1 polymer 'LayG-1069 heavy chain'
2 polymer 'LayG-1069 light chain'
3 polymer 'LayG-1133 heavy chain'
4 polymer 'LayG-1133 light chain'
5 polymer 'Attachment glycoprotein'
#
loop_
_entity_poly.entity_id
_entity_poly.type
_entity_poly.pdbx_seq_one_letter_code
_entity_poly.pdbx_strand_id
1 'polypeptide(L)'
;DVQLQESGPDLVKPSQSLSLTCTVTGYSITSGYSWHWIRQFPGNKLEWMGSIHFSGISNYNPSLKGRISITRDTSKNQFF
LQLNSVTTEDTATYYCVRKDFGSSHHFDYWGQGTTLTVSSASTKGPSVFPLAPSSKSTSGGTAALGCLVKDYFPEPVTVS
WNSGALTSGVHTFPAVLQSSGLYSLSSVVTVPSSSLGTQTYICNVNHKPSNTKVDKKVEPKSC
;
A
2 'polypeptide(L)'
;SIVMTQTPKFLLVSAGDRVAMTCKASQSVNDDVAWYQQKPGQSPKLLINFASNRYTGVPDRFTGSGYGTDFTFTISTVQA
EDLAFYFCQQDYSSPFTFGSGTKLEIKRTVAAPSVFIFPPSDEQLKSGTASVVCLLNNFYPREAKVQWKVDNALQSGNSQ
ESVTEQDSKDSTYSLSSTLTLSKADYEKHKVYACEVTHQGLSSPVTKSFNRGEC
;
B
3 'polypeptide(L)'
;DVQLQESGPGLVKPSQSLSLTCTVTGYSITSDYAWNWIRQFPGNKLEWMGYISYSGSTSYNPSLKSRISITRDTSKNQFF
LQLNSVTTEDTATYYCARYYDAPYYFDYWGQGTTLTVSSASTKGPSVFPLAPSSKSTSGGTAALGCLVKDYFPEPVTVSW
NSGALTSGVHTFPAVLQSSGLYSLSSVVTVPSSSLGTQTYICNVNHKPSNTKVDKKVEPKSC
;
C
4 'polypeptide(L)'
;DIQMTQSPASLSASVGETVTITCGASENIYGALNWYQRKQGKSPQLLIYGATNLADGMSSRFSGSGSGRQYSLKISSLHP
DDVATYYCQNVLSTPFTFGSGTKLEIKRTVAAPSVFIFPPSDEQLKSGTASVVCLLNNFYPREAKVQWKVDNALQSGNSQ
ESVTEQDSKDSTYSLSSTLTLSKADYEKHKVYACEVTHQGLSSPVTKSFNRGEC
;
D
5 'polypeptide(L)'
;DKPDDDTTDDDKVDTTIKPVEYYKPDGCNKTNDHFTMQPGVNFYTVPNLGPSSSSADECYTNPSFSIGSSIYMFSQEIRK
TDCTTGEILSIQIVLGRIVDKGQQGPQASPLLVWSVPNPKIINSCAVAAGDETGWVLCSVTLTAASGEPIPHMFDGFWLY
KFEPDTEVVAYRITGFAYLLDKVYDSVFIGKGGGIQRGNDLYFQMFGLSRNRQSIKALCEHGSCLGTGGGGYQVLCDRAV
MSFGSEESLISNAYLKVNDVASGKPTIISQTFPPSDSYKGSNGRIYTIGERYGIYLAPSSWNRYLRFGLTPDISVRSTTW
LKEKDPIMKVLTTCTNTDKDMCPEICNTRGYQDIFPLSEDSSFYTYIGITPSNEGTKSFVAVKDDAGHVASITILPNYYS
ITSATISCFMYKEEIWCIAVTEGRKQKENPQRIYAHSYRVQKMCFNI
;
H
#
# COMPACT_ATOMS: atom_id res chain seq x y z
N ASP A 1 -23.22 1.03 17.11
CA ASP A 1 -21.81 1.44 17.31
C ASP A 1 -20.97 0.20 17.62
N VAL A 2 -19.65 0.29 17.45
CA VAL A 2 -18.77 -0.86 17.85
C VAL A 2 -19.03 -1.17 19.33
N GLN A 3 -19.18 -2.45 19.68
CA GLN A 3 -19.49 -2.87 21.07
C GLN A 3 -18.82 -4.21 21.37
N LEU A 4 -17.78 -4.20 22.21
CA LEU A 4 -17.02 -5.43 22.56
C LEU A 4 -17.70 -6.12 23.77
N GLN A 5 -17.81 -7.45 23.77
CA GLN A 5 -18.48 -8.20 24.86
C GLN A 5 -17.80 -9.56 25.09
N GLU A 6 -17.11 -9.73 26.22
CA GLU A 6 -16.37 -10.94 26.55
C GLU A 6 -17.30 -12.02 27.07
N SER A 7 -16.80 -13.26 27.06
CA SER A 7 -17.58 -14.38 27.56
C SER A 7 -16.71 -15.63 27.69
N GLY A 8 -16.98 -16.45 28.70
CA GLY A 8 -16.25 -17.66 28.93
C GLY A 8 -16.34 -18.13 30.37
N PRO A 9 -15.64 -19.21 30.70
CA PRO A 9 -15.66 -19.70 32.08
C PRO A 9 -15.01 -18.71 33.03
N ASP A 10 -15.49 -18.72 34.29
CA ASP A 10 -15.03 -17.77 35.36
C ASP A 10 -14.45 -18.50 36.57
N LEU A 11 -14.48 -19.83 36.62
CA LEU A 11 -13.85 -20.60 37.72
C LEU A 11 -13.04 -21.71 37.06
N VAL A 12 -11.72 -21.72 37.24
CA VAL A 12 -10.79 -22.67 36.57
C VAL A 12 -9.87 -23.29 37.62
N LYS A 13 -9.68 -24.61 37.57
CA LYS A 13 -8.79 -25.29 38.50
C LYS A 13 -7.34 -25.01 38.15
N PRO A 14 -6.42 -25.12 39.11
CA PRO A 14 -5.02 -24.85 38.82
C PRO A 14 -4.48 -25.78 37.73
N SER A 15 -3.57 -25.25 36.92
CA SER A 15 -2.85 -25.96 35.87
C SER A 15 -3.71 -26.25 34.64
N GLN A 16 -4.97 -25.85 34.63
CA GLN A 16 -5.84 -26.08 33.49
C GLN A 16 -5.57 -25.02 32.42
N SER A 17 -6.44 -24.96 31.41
CA SER A 17 -6.35 -24.00 30.33
C SER A 17 -7.57 -23.09 30.34
N LEU A 18 -7.36 -21.84 29.92
CA LEU A 18 -8.40 -20.83 29.91
C LEU A 18 -8.69 -20.41 28.47
N SER A 19 -9.99 -20.39 28.13
CA SER A 19 -10.46 -20.04 26.76
C SER A 19 -11.48 -18.89 26.83
N LEU A 20 -11.05 -17.66 26.53
CA LEU A 20 -11.96 -16.50 26.52
C LEU A 20 -12.47 -16.30 25.10
N THR A 21 -13.57 -15.56 24.90
CA THR A 21 -14.13 -15.29 23.56
C THR A 21 -14.65 -13.87 23.54
N CYS A 22 -14.06 -12.99 22.75
CA CYS A 22 -14.54 -11.59 22.61
C CYS A 22 -15.39 -11.48 21.34
N THR A 23 -16.67 -11.10 21.47
CA THR A 23 -17.55 -10.93 20.32
C THR A 23 -17.68 -9.45 20.01
N VAL A 24 -17.55 -9.09 18.75
CA VAL A 24 -17.62 -7.70 18.29
C VAL A 24 -18.84 -7.57 17.39
N THR A 25 -19.65 -6.55 17.67
CA THR A 25 -20.87 -6.29 16.92
C THR A 25 -20.82 -4.87 16.36
N GLY A 26 -21.25 -4.71 15.11
CA GLY A 26 -21.31 -3.43 14.46
C GLY A 26 -20.05 -3.02 13.71
N TYR A 27 -19.02 -3.86 13.66
CA TYR A 27 -17.79 -3.53 12.87
C TYR A 27 -16.96 -4.79 12.62
N SER A 28 -16.75 -5.14 11.36
CA SER A 28 -15.97 -6.35 10.99
C SER A 28 -14.54 -6.24 11.55
N ILE A 29 -14.03 -7.33 12.11
CA ILE A 29 -12.66 -7.34 12.69
C ILE A 29 -11.65 -7.19 11.55
N THR A 30 -11.93 -7.61 10.33
CA THR A 30 -10.93 -7.63 9.24
C THR A 30 -10.79 -6.25 8.64
N SER A 31 -11.83 -5.42 8.72
CA SER A 31 -11.83 -4.08 8.07
C SER A 31 -10.59 -3.27 8.46
N GLY A 32 -10.28 -3.12 9.74
CA GLY A 32 -9.20 -2.30 10.22
C GLY A 32 -9.07 -2.36 11.73
N TYR A 33 -8.25 -1.46 12.28
CA TYR A 33 -8.01 -1.37 13.74
C TYR A 33 -7.32 -2.63 14.20
N SER A 34 -6.64 -2.56 15.33
CA SER A 34 -6.04 -3.77 15.93
C SER A 34 -7.01 -4.24 17.03
N TRP A 35 -6.77 -5.38 17.67
CA TRP A 35 -7.60 -5.90 18.74
C TRP A 35 -6.72 -6.61 19.75
N HIS A 36 -6.85 -6.23 21.02
CA HIS A 36 -5.90 -6.60 22.05
C HIS A 36 -6.62 -7.22 23.24
N TRP A 37 -5.88 -7.84 24.15
CA TRP A 37 -6.46 -8.37 25.41
C TRP A 37 -5.66 -7.72 26.52
N ILE A 38 -6.25 -7.08 27.53
CA ILE A 38 -5.49 -6.35 28.60
C ILE A 38 -6.12 -6.73 29.95
N ARG A 39 -5.33 -7.27 30.89
CA ARG A 39 -5.89 -7.74 32.19
C ARG A 39 -5.54 -6.77 33.32
N GLN A 40 -6.40 -6.62 34.33
CA GLN A 40 -6.19 -5.68 35.46
C GLN A 40 -6.22 -6.46 36.77
N PHE A 41 -5.08 -6.60 37.41
CA PHE A 41 -4.98 -7.42 38.65
C PHE A 41 -5.70 -6.71 39.77
N PRO A 42 -5.82 -7.29 40.99
CA PRO A 42 -6.37 -6.56 42.12
C PRO A 42 -5.30 -5.55 42.48
N GLY A 43 -5.66 -4.33 42.89
CA GLY A 43 -4.67 -3.25 43.09
C GLY A 43 -4.70 -2.39 41.85
N ASN A 44 -5.40 -2.82 40.79
CA ASN A 44 -5.64 -2.04 39.59
C ASN A 44 -4.43 -1.95 38.66
N LYS A 45 -3.33 -2.63 38.99
CA LYS A 45 -2.18 -2.65 38.06
C LYS A 45 -2.74 -3.15 36.74
N LEU A 46 -2.20 -2.70 35.61
CA LEU A 46 -2.67 -3.14 34.28
C LEU A 46 -1.51 -3.84 33.55
N GLU A 47 -1.82 -4.70 32.58
CA GLU A 47 -0.81 -5.42 31.82
C GLU A 47 -1.39 -5.77 30.45
N TRP A 48 -0.64 -5.53 29.37
CA TRP A 48 -1.08 -5.92 28.00
C TRP A 48 -0.80 -7.40 27.84
N MET A 49 -1.65 -8.14 27.12
CA MET A 49 -1.48 -9.59 26.95
C MET A 49 -1.00 -9.87 25.52
N GLY A 50 -1.65 -9.31 24.51
CA GLY A 50 -1.32 -9.51 23.11
C GLY A 50 -2.42 -8.95 22.24
N SER A 51 -2.23 -9.04 20.93
CA SER A 51 -3.21 -8.50 19.97
C SER A 51 -3.31 -9.40 18.75
N ILE A 52 -4.13 -9.03 17.78
CA ILE A 52 -4.23 -9.79 16.51
C ILE A 52 -4.54 -8.75 15.44
N HIS A 53 -3.55 -8.40 14.60
CA HIS A 53 -3.73 -7.38 13.54
C HIS A 53 -4.92 -7.76 12.68
N PHE A 54 -5.50 -6.79 11.99
CA PHE A 54 -6.70 -7.05 11.20
C PHE A 54 -6.44 -7.99 10.02
N SER A 55 -5.19 -8.08 9.56
CA SER A 55 -4.82 -9.01 8.47
C SER A 55 -4.80 -10.45 9.02
N GLY A 56 -4.36 -10.64 10.26
CA GLY A 56 -4.38 -11.98 10.91
C GLY A 56 -3.17 -12.22 11.80
N ILE A 57 -2.09 -11.43 11.61
CA ILE A 57 -0.83 -11.61 12.39
C ILE A 57 -1.17 -11.51 13.88
N SER A 58 -0.38 -12.07 14.79
CA SER A 58 -0.69 -11.96 16.24
C SER A 58 0.58 -11.60 16.98
N ASN A 59 0.48 -10.77 18.02
CA ASN A 59 1.62 -10.33 18.81
C ASN A 59 1.36 -10.64 20.27
N TYR A 60 2.41 -11.02 21.00
CA TYR A 60 2.28 -11.47 22.37
C TYR A 60 3.28 -10.75 23.26
N ASN A 61 2.88 -10.53 24.50
CA ASN A 61 3.79 -9.92 25.48
C ASN A 61 4.88 -10.92 25.84
N PRO A 62 6.16 -10.56 25.72
CA PRO A 62 7.22 -11.54 26.03
C PRO A 62 7.16 -12.08 27.45
N SER A 63 6.61 -11.33 28.40
CA SER A 63 6.59 -11.77 29.78
C SER A 63 5.66 -12.95 30.02
N LEU A 64 4.74 -13.20 29.08
CA LEU A 64 3.76 -14.29 29.21
C LEU A 64 4.48 -15.60 28.92
N LYS A 65 5.71 -15.54 28.41
CA LYS A 65 6.56 -16.75 28.22
C LYS A 65 5.91 -17.73 27.22
N GLY A 66 5.18 -17.22 26.23
CA GLY A 66 4.63 -18.08 25.17
C GLY A 66 3.55 -19.03 25.65
N ARG A 67 2.91 -18.78 26.80
CA ARG A 67 1.78 -19.61 27.28
C ARG A 67 0.49 -19.09 26.66
N ILE A 68 0.55 -18.08 25.78
CA ILE A 68 -0.64 -17.41 25.26
C ILE A 68 -0.75 -17.71 23.77
N SER A 69 -1.99 -17.69 23.28
CA SER A 69 -2.25 -17.89 21.87
C SER A 69 -3.53 -17.13 21.51
N ILE A 70 -3.45 -16.28 20.49
CA ILE A 70 -4.57 -15.49 20.01
C ILE A 70 -4.95 -15.98 18.63
N THR A 71 -6.24 -16.27 18.45
CA THR A 71 -6.79 -16.70 17.16
C THR A 71 -8.05 -15.90 16.87
N ARG A 72 -8.55 -16.06 15.65
CA ARG A 72 -9.75 -15.30 15.23
C ARG A 72 -10.66 -16.21 14.41
N ASP A 73 -11.96 -16.00 14.51
CA ASP A 73 -12.96 -16.71 13.71
C ASP A 73 -13.76 -15.67 12.95
N THR A 74 -13.36 -15.42 11.70
CA THR A 74 -13.96 -14.34 10.92
C THR A 74 -15.43 -14.58 10.60
N SER A 75 -15.86 -15.85 10.51
CA SER A 75 -17.25 -16.12 10.16
C SER A 75 -18.19 -15.56 11.22
N LYS A 76 -17.80 -15.68 12.49
CA LYS A 76 -18.64 -15.21 13.63
C LYS A 76 -18.22 -13.80 14.06
N ASN A 77 -17.13 -13.28 13.50
CA ASN A 77 -16.61 -11.91 13.83
C ASN A 77 -16.18 -11.92 15.29
N GLN A 78 -15.24 -12.80 15.64
CA GLN A 78 -14.77 -12.95 17.04
C GLN A 78 -13.25 -13.12 17.07
N PHE A 79 -12.65 -13.15 18.25
CA PHE A 79 -11.19 -13.41 18.39
C PHE A 79 -11.03 -13.95 19.77
N PHE A 80 -10.22 -14.99 19.98
CA PHE A 80 -10.17 -15.69 21.29
C PHE A 80 -8.84 -15.60 21.96
N LEU A 81 -8.79 -16.02 23.23
CA LEU A 81 -7.57 -16.03 24.02
C LEU A 81 -7.39 -17.43 24.61
N GLN A 82 -6.16 -17.94 24.59
CA GLN A 82 -5.84 -19.24 25.14
C GLN A 82 -4.64 -19.10 26.06
N LEU A 83 -4.82 -19.44 27.33
CA LEU A 83 -3.75 -19.42 28.31
C LEU A 83 -3.67 -20.79 28.98
N ASN A 84 -2.46 -21.32 29.08
CA ASN A 84 -2.23 -22.66 29.58
C ASN A 84 -1.45 -22.63 30.89
N SER A 85 -1.75 -23.57 31.76
CA SER A 85 -1.04 -23.72 33.04
C SER A 85 -1.30 -22.51 33.95
N VAL A 86 -2.57 -22.13 34.05
CA VAL A 86 -2.93 -21.00 34.90
C VAL A 86 -2.64 -21.36 36.36
N THR A 87 -2.51 -20.32 37.20
CA THR A 87 -2.25 -20.46 38.65
C THR A 87 -3.00 -19.36 39.36
N THR A 88 -2.87 -19.24 40.68
CA THR A 88 -3.62 -18.26 41.48
C THR A 88 -3.12 -16.87 41.20
N GLU A 89 -1.97 -16.74 40.57
CA GLU A 89 -1.38 -15.42 40.23
C GLU A 89 -2.15 -14.84 39.04
N ASP A 90 -2.82 -15.68 38.27
CA ASP A 90 -3.54 -15.24 37.05
C ASP A 90 -4.99 -14.91 37.41
N THR A 91 -5.28 -14.50 38.65
CA THR A 91 -6.62 -14.04 39.01
C THR A 91 -6.72 -12.54 38.76
N ALA A 92 -7.61 -12.14 37.86
CA ALA A 92 -7.74 -10.73 37.49
C ALA A 92 -9.02 -10.57 36.67
N THR A 93 -9.19 -9.37 36.11
CA THR A 93 -10.28 -9.07 35.20
C THR A 93 -9.70 -8.85 33.81
N TYR A 94 -10.33 -9.46 32.80
CA TYR A 94 -9.81 -9.47 31.44
C TYR A 94 -10.70 -8.64 30.53
N TYR A 95 -10.06 -7.86 29.65
CA TYR A 95 -10.76 -7.02 28.68
C TYR A 95 -10.26 -7.35 27.28
N CYS A 96 -11.15 -7.20 26.30
CA CYS A 96 -10.80 -7.19 24.89
C CYS A 96 -11.06 -5.79 24.37
N VAL A 97 -10.04 -5.19 23.76
CA VAL A 97 -10.03 -3.77 23.48
C VAL A 97 -9.61 -3.52 22.03
N ARG A 98 -10.25 -2.54 21.40
CA ARG A 98 -9.92 -2.10 20.06
C ARG A 98 -8.89 -0.97 20.14
N LYS A 99 -8.06 -0.87 19.10
CA LYS A 99 -7.02 0.15 19.04
C LYS A 99 -7.05 0.81 17.67
N ASP A 100 -6.77 2.10 17.63
CA ASP A 100 -6.74 2.86 16.39
C ASP A 100 -5.31 3.25 16.04
N PHE A 101 -4.97 3.08 14.76
CA PHE A 101 -3.64 3.42 14.27
C PHE A 101 -3.68 4.63 13.34
N GLY A 102 -4.79 5.37 13.31
CA GLY A 102 -4.91 6.51 12.45
C GLY A 102 -4.58 7.82 13.14
N SER A 103 -5.61 8.63 13.40
CA SER A 103 -5.41 9.97 14.00
C SER A 103 -5.25 9.91 15.52
N SER A 104 -5.91 8.97 16.20
CA SER A 104 -5.94 8.96 17.69
C SER A 104 -4.75 8.23 18.32
N HIS A 105 -4.43 7.01 17.87
CA HIS A 105 -3.36 6.18 18.49
C HIS A 105 -3.74 5.90 19.95
N HIS A 106 -4.96 5.42 20.22
CA HIS A 106 -5.40 5.15 21.58
C HIS A 106 -6.44 4.04 21.58
N PHE A 107 -6.63 3.44 22.75
CA PHE A 107 -7.65 2.40 22.94
C PHE A 107 -9.03 3.05 23.05
N ASP A 108 -9.78 2.95 21.97
CA ASP A 108 -11.10 3.64 21.89
C ASP A 108 -12.16 2.86 22.68
N TYR A 109 -12.71 1.79 22.12
CA TYR A 109 -13.83 1.05 22.77
C TYR A 109 -13.30 -0.08 23.62
N TRP A 110 -13.86 -0.29 24.81
CA TRP A 110 -13.46 -1.38 25.72
C TRP A 110 -14.69 -2.20 26.07
N GLY A 111 -14.55 -3.51 26.33
CA GLY A 111 -15.64 -4.35 26.78
C GLY A 111 -15.89 -4.20 28.26
N GLN A 112 -17.03 -4.75 28.71
CA GLN A 112 -17.45 -4.64 30.13
C GLN A 112 -16.45 -5.35 31.03
N GLY A 113 -15.69 -6.31 30.50
CA GLY A 113 -14.74 -7.06 31.31
C GLY A 113 -15.39 -8.26 31.97
N THR A 114 -14.57 -9.27 32.25
CA THR A 114 -15.02 -10.50 32.89
C THR A 114 -14.07 -10.82 34.03
N THR A 115 -14.64 -11.31 35.13
CA THR A 115 -13.85 -11.70 36.29
C THR A 115 -13.49 -13.17 36.21
N LEU A 116 -12.23 -13.48 36.51
CA LEU A 116 -11.71 -14.83 36.46
C LEU A 116 -11.10 -15.17 37.82
N THR A 117 -11.50 -16.32 38.37
CA THR A 117 -11.02 -16.78 39.67
C THR A 117 -10.34 -18.13 39.49
N VAL A 118 -9.14 -18.26 40.04
CA VAL A 118 -8.37 -19.51 39.99
C VAL A 118 -8.35 -20.08 41.40
N SER A 119 -9.00 -21.23 41.57
CA SER A 119 -9.02 -21.89 42.86
C SER A 119 -9.40 -23.36 42.66
N SER A 120 -9.14 -24.16 43.69
CA SER A 120 -9.43 -25.58 43.65
C SER A 120 -10.77 -25.93 44.30
N ALA A 121 -11.54 -24.93 44.73
CA ALA A 121 -12.81 -25.19 45.38
C ALA A 121 -13.87 -25.51 44.34
N SER A 122 -15.12 -25.58 44.80
CA SER A 122 -16.26 -25.90 43.96
C SER A 122 -17.32 -24.82 44.07
N THR A 123 -18.05 -24.61 42.98
CA THR A 123 -19.10 -23.60 42.96
C THR A 123 -20.12 -23.86 44.05
N LYS A 124 -20.55 -22.78 44.71
CA LYS A 124 -21.54 -22.84 45.78
C LYS A 124 -22.56 -21.75 45.55
N GLY A 125 -23.84 -22.12 45.56
CA GLY A 125 -24.90 -21.18 45.32
C GLY A 125 -25.13 -20.25 46.49
N PRO A 126 -25.90 -19.19 46.24
CA PRO A 126 -26.17 -18.20 47.28
C PRO A 126 -27.32 -18.60 48.19
N SER A 127 -27.47 -17.83 49.28
CA SER A 127 -28.53 -18.02 50.25
C SER A 127 -28.91 -16.64 50.80
N VAL A 128 -29.94 -16.05 50.23
CA VAL A 128 -30.35 -14.70 50.60
C VAL A 128 -31.11 -14.76 51.92
N PHE A 129 -30.92 -13.74 52.75
CA PHE A 129 -31.65 -13.57 53.99
C PHE A 129 -32.31 -12.20 54.01
N PRO A 130 -33.48 -12.08 54.64
CA PRO A 130 -34.16 -10.78 54.68
C PRO A 130 -33.68 -9.91 55.83
N LEU A 131 -33.18 -8.72 55.52
CA LEU A 131 -32.88 -7.73 56.55
C LEU A 131 -34.13 -6.86 56.79
N ALA A 132 -35.18 -7.55 57.26
CA ALA A 132 -36.47 -6.91 57.48
C ALA A 132 -36.29 -5.64 58.30
N PRO A 133 -37.24 -4.69 58.22
CA PRO A 133 -37.03 -3.40 58.88
C PRO A 133 -36.82 -3.55 60.38
N GLY A 141 -38.30 8.86 58.62
CA GLY A 141 -38.02 9.11 57.23
C GLY A 141 -36.74 8.49 56.72
N THR A 142 -36.07 7.65 57.52
CA THR A 142 -34.79 7.08 57.13
C THR A 142 -34.74 5.57 57.33
N ALA A 143 -35.89 4.92 57.57
CA ALA A 143 -35.90 3.47 57.76
C ALA A 143 -35.31 2.77 56.54
N ALA A 144 -34.47 1.77 56.78
CA ALA A 144 -33.76 1.08 55.72
C ALA A 144 -34.16 -0.38 55.65
N LEU A 145 -34.06 -0.93 54.44
CA LEU A 145 -34.39 -2.32 54.17
C LEU A 145 -33.29 -2.93 53.34
N GLY A 146 -32.86 -4.15 53.68
CA GLY A 146 -31.75 -4.78 53.01
C GLY A 146 -31.90 -6.28 52.83
N CYS A 147 -30.90 -6.90 52.21
CA CYS A 147 -30.87 -8.34 52.03
C CYS A 147 -29.44 -8.82 52.26
N LEU A 148 -29.29 -9.95 52.94
CA LEU A 148 -27.97 -10.47 53.32
C LEU A 148 -27.72 -11.77 52.56
N VAL A 149 -26.88 -11.69 51.54
CA VAL A 149 -26.46 -12.87 50.80
C VAL A 149 -25.22 -13.46 51.47
N LYS A 150 -25.10 -14.78 51.42
CA LYS A 150 -24.04 -15.46 52.16
C LYS A 150 -23.81 -16.84 51.56
N ASP A 151 -22.64 -17.40 51.86
CA ASP A 151 -22.33 -18.79 51.55
C ASP A 151 -22.42 -19.09 50.07
N TYR A 152 -21.55 -18.49 49.27
CA TYR A 152 -21.52 -18.78 47.84
C TYR A 152 -20.08 -18.69 47.36
N PHE A 153 -19.86 -19.15 46.12
CA PHE A 153 -18.56 -19.09 45.49
C PHE A 153 -18.77 -19.17 43.99
N PRO A 154 -18.04 -18.41 43.17
CA PRO A 154 -17.03 -17.39 43.51
C PRO A 154 -17.63 -16.04 43.88
N GLU A 155 -16.78 -15.01 44.03
CA GLU A 155 -17.24 -13.73 44.58
C GLU A 155 -18.31 -13.07 43.72
N PRO A 156 -18.22 -13.06 42.38
CA PRO A 156 -19.18 -12.27 41.59
C PRO A 156 -20.64 -12.52 41.94
N VAL A 157 -21.31 -11.49 42.44
CA VAL A 157 -22.74 -11.56 42.77
C VAL A 157 -23.33 -10.17 42.60
N THR A 158 -24.62 -10.12 42.28
CA THR A 158 -25.33 -8.87 42.06
C THR A 158 -26.55 -8.80 42.96
N VAL A 159 -27.09 -7.59 43.10
CA VAL A 159 -28.28 -7.35 43.90
C VAL A 159 -28.98 -6.12 43.35
N SER A 160 -30.31 -6.15 43.37
CA SER A 160 -31.12 -5.04 42.83
C SER A 160 -32.24 -4.75 43.82
N TRP A 161 -33.22 -3.94 43.41
CA TRP A 161 -34.34 -3.56 44.26
C TRP A 161 -35.53 -3.21 43.38
N ASN A 162 -36.70 -3.74 43.73
CA ASN A 162 -37.94 -3.42 43.04
C ASN A 162 -37.82 -3.63 41.54
N SER A 163 -37.10 -4.67 41.12
CA SER A 163 -36.88 -4.99 39.72
C SER A 163 -36.37 -3.76 38.96
N GLY A 164 -35.34 -3.13 39.54
CA GLY A 164 -34.67 -2.00 38.93
C GLY A 164 -35.07 -0.66 39.50
N ALA A 165 -36.17 -0.58 40.22
CA ALA A 165 -36.60 0.68 40.82
C ALA A 165 -35.93 0.86 42.17
N LEU A 166 -36.29 1.91 42.89
CA LEU A 166 -35.75 2.19 44.23
C LEU A 166 -34.23 2.19 44.21
N THR A 167 -33.68 2.81 43.16
CA THR A 167 -32.24 2.88 42.99
C THR A 167 -31.57 3.85 43.96
N SER A 168 -32.29 4.86 44.43
CA SER A 168 -31.71 5.88 45.30
C SER A 168 -31.52 5.33 46.71
N GLY A 169 -30.40 5.69 47.32
CA GLY A 169 -30.10 5.31 48.69
C GLY A 169 -29.51 3.93 48.87
N VAL A 170 -29.37 3.15 47.81
CA VAL A 170 -28.84 1.80 47.92
C VAL A 170 -27.32 1.86 48.09
N HIS A 171 -26.81 1.08 49.04
CA HIS A 171 -25.37 1.00 49.31
C HIS A 171 -24.99 -0.48 49.39
N THR A 172 -24.59 -1.04 48.25
CA THR A 172 -24.12 -2.42 48.21
C THR A 172 -22.68 -2.47 48.67
N PHE A 173 -22.44 -2.97 49.87
CA PHE A 173 -21.12 -2.93 50.47
C PHE A 173 -20.18 -3.88 49.74
N PRO A 174 -18.86 -3.68 49.87
CA PRO A 174 -17.91 -4.65 49.29
C PRO A 174 -17.96 -6.00 50.00
N ALA A 175 -17.33 -7.01 49.39
CA ALA A 175 -17.36 -8.38 49.88
C ALA A 175 -16.19 -8.65 50.82
N VAL A 176 -16.36 -9.66 51.66
CA VAL A 176 -15.32 -10.10 52.58
C VAL A 176 -15.41 -11.61 52.74
N LEU A 177 -14.34 -12.32 52.35
CA LEU A 177 -14.31 -13.76 52.51
C LEU A 177 -14.17 -14.14 53.97
N GLN A 178 -14.88 -15.19 54.38
CA GLN A 178 -14.83 -15.68 55.75
C GLN A 178 -13.89 -16.87 55.84
N SER A 179 -13.73 -17.40 57.05
CA SER A 179 -12.91 -18.58 57.25
C SER A 179 -13.53 -19.82 56.60
N SER A 180 -14.83 -19.79 56.31
CA SER A 180 -15.47 -20.93 55.65
C SER A 180 -15.08 -21.03 54.19
N GLY A 181 -14.38 -20.02 53.66
CA GLY A 181 -14.04 -19.98 52.26
C GLY A 181 -15.12 -19.44 51.35
N LEU A 182 -16.17 -18.86 51.90
CA LEU A 182 -17.27 -18.29 51.14
C LEU A 182 -17.27 -16.77 51.30
N TYR A 183 -18.25 -16.13 50.67
CA TYR A 183 -18.35 -14.67 50.65
C TYR A 183 -19.69 -14.24 51.24
N SER A 184 -19.72 -13.02 51.78
CA SER A 184 -20.89 -12.48 52.45
C SER A 184 -21.02 -11.01 52.09
N LEU A 185 -22.18 -10.62 51.57
CA LEU A 185 -22.49 -9.24 51.22
C LEU A 185 -23.78 -8.82 51.89
N SER A 186 -23.95 -7.49 52.02
CA SER A 186 -25.14 -6.94 52.67
C SER A 186 -25.49 -5.63 51.96
N SER A 187 -26.48 -5.68 51.08
CA SER A 187 -26.96 -4.49 50.40
C SER A 187 -28.12 -3.88 51.18
N VAL A 188 -28.00 -2.59 51.49
CA VAL A 188 -29.03 -1.88 52.25
C VAL A 188 -29.39 -0.60 51.53
N VAL A 189 -30.68 -0.35 51.35
CA VAL A 189 -31.18 0.87 50.71
C VAL A 189 -32.14 1.54 51.69
N THR A 190 -31.87 2.81 51.98
CA THR A 190 -32.73 3.55 52.89
C THR A 190 -34.00 3.99 52.19
N VAL A 191 -35.12 3.92 52.90
CA VAL A 191 -36.42 4.27 52.34
C VAL A 191 -37.18 5.14 53.35
N PRO A 192 -38.16 5.91 52.88
CA PRO A 192 -38.99 6.66 53.82
C PRO A 192 -39.71 5.74 54.79
N SER A 193 -39.79 6.19 56.05
CA SER A 193 -40.49 5.41 57.06
C SER A 193 -41.98 5.29 56.74
N SER A 194 -42.58 6.39 56.24
CA SER A 194 -44.00 6.37 55.90
C SER A 194 -44.29 5.35 54.81
N SER A 195 -43.33 5.12 53.91
CA SER A 195 -43.52 4.22 52.78
C SER A 195 -43.25 2.76 53.14
N LEU A 196 -42.86 2.46 54.38
CA LEU A 196 -42.52 1.09 54.74
C LEU A 196 -43.68 0.13 54.47
N GLY A 197 -44.88 0.50 54.93
CA GLY A 197 -46.03 -0.35 54.82
C GLY A 197 -46.82 -0.25 53.54
N THR A 198 -46.34 0.51 52.56
CA THR A 198 -47.07 0.74 51.32
C THR A 198 -46.33 0.27 50.08
N GLN A 199 -45.01 0.25 50.09
CA GLN A 199 -44.21 -0.05 48.92
C GLN A 199 -43.65 -1.47 48.98
N THR A 200 -43.32 -1.99 47.81
CA THR A 200 -42.68 -3.30 47.69
C THR A 200 -41.16 -3.14 47.76
N TYR A 201 -40.51 -4.18 48.25
CA TYR A 201 -39.07 -4.15 48.49
C TYR A 201 -38.43 -5.47 48.04
N ILE A 202 -38.83 -5.95 46.87
CA ILE A 202 -38.31 -7.21 46.34
C ILE A 202 -36.86 -7.00 45.90
N CYS A 203 -35.92 -7.56 46.67
CA CYS A 203 -34.51 -7.50 46.30
C CYS A 203 -34.18 -8.73 45.44
N ASN A 204 -33.61 -8.49 44.26
CA ASN A 204 -33.30 -9.55 43.31
C ASN A 204 -31.80 -9.83 43.37
N VAL A 205 -31.45 -11.09 43.60
CA VAL A 205 -30.06 -11.53 43.65
C VAL A 205 -29.84 -12.54 42.54
N ASN A 206 -28.63 -12.55 41.99
CA ASN A 206 -28.29 -13.45 40.89
C ASN A 206 -26.83 -13.83 41.01
N HIS A 207 -26.57 -15.09 41.38
CA HIS A 207 -25.21 -15.64 41.41
C HIS A 207 -25.01 -16.39 40.10
N LYS A 208 -24.68 -15.65 39.03
CA LYS A 208 -24.63 -16.28 37.69
C LYS A 208 -23.65 -17.45 37.61
N PRO A 209 -22.51 -17.51 38.34
CA PRO A 209 -21.69 -18.73 38.27
C PRO A 209 -22.47 -19.99 38.62
N SER A 210 -23.39 -19.91 39.58
CA SER A 210 -24.24 -21.03 39.94
C SER A 210 -25.62 -20.96 39.29
N ASN A 211 -25.88 -19.93 38.48
CA ASN A 211 -27.17 -19.74 37.83
C ASN A 211 -28.31 -19.89 38.85
N THR A 212 -28.30 -19.00 39.84
CA THR A 212 -29.26 -19.02 40.94
C THR A 212 -29.95 -17.66 41.02
N LYS A 213 -31.09 -17.55 40.35
CA LYS A 213 -31.90 -16.35 40.45
C LYS A 213 -32.74 -16.40 41.73
N VAL A 214 -32.59 -15.38 42.57
CA VAL A 214 -33.22 -15.37 43.89
C VAL A 214 -34.02 -14.09 44.07
N ASP A 215 -35.34 -14.18 43.86
CA ASP A 215 -36.23 -13.05 44.12
C ASP A 215 -36.74 -13.12 45.55
N LYS A 216 -36.39 -12.14 46.37
CA LYS A 216 -36.75 -12.11 47.77
C LYS A 216 -37.49 -10.83 48.09
N LYS A 217 -38.61 -10.95 48.79
CA LYS A 217 -39.41 -9.81 49.20
C LYS A 217 -39.07 -9.45 50.65
N SER B 1 11.59 -4.09 28.30
CA SER B 1 10.45 -3.19 27.98
C SER B 1 10.64 -1.83 28.63
N ILE B 2 9.69 -0.93 28.39
CA ILE B 2 9.73 0.44 28.92
C ILE B 2 8.99 0.46 30.25
N VAL B 3 9.67 0.94 31.29
CA VAL B 3 9.12 0.98 32.64
C VAL B 3 8.58 2.38 32.89
N MET B 4 7.35 2.45 33.40
CA MET B 4 6.70 3.71 33.73
C MET B 4 6.46 3.76 35.24
N THR B 5 7.14 4.69 35.91
CA THR B 5 6.95 4.91 37.34
C THR B 5 6.05 6.12 37.53
N GLN B 6 4.92 5.91 38.20
CA GLN B 6 3.92 6.96 38.40
C GLN B 6 3.78 7.25 39.90
N THR B 7 3.91 8.52 40.26
CA THR B 7 3.79 8.97 41.63
C THR B 7 3.01 10.28 41.67
N PRO B 8 2.35 10.59 42.79
CA PRO B 8 2.16 9.76 44.00
C PRO B 8 0.91 8.89 43.89
N LYS B 9 0.77 7.89 44.76
CA LYS B 9 -0.32 6.93 44.66
C LYS B 9 -1.65 7.50 45.14
N PHE B 10 -1.64 8.30 46.19
CA PHE B 10 -2.86 8.83 46.80
C PHE B 10 -2.80 10.35 46.87
N LEU B 11 -3.87 11.00 46.41
CA LEU B 11 -4.00 12.45 46.49
C LEU B 11 -5.34 12.76 47.11
N LEU B 12 -5.33 13.45 48.26
CA LEU B 12 -6.55 13.91 48.92
C LEU B 12 -6.51 15.43 48.96
N VAL B 13 -7.53 16.07 48.37
CA VAL B 13 -7.59 17.51 48.24
C VAL B 13 -9.03 17.97 48.40
N SER B 14 -9.20 19.26 48.63
CA SER B 14 -10.52 19.86 48.74
C SER B 14 -11.01 20.32 47.36
N ALA B 15 -12.32 20.52 47.27
CA ALA B 15 -12.92 20.93 46.02
C ALA B 15 -12.38 22.29 45.58
N GLY B 16 -12.02 22.42 44.31
CA GLY B 16 -11.45 23.68 43.75
C GLY B 16 -9.94 23.64 43.67
N ASP B 17 -9.24 22.93 44.57
CA ASP B 17 -7.76 22.90 44.61
C ASP B 17 -7.19 22.35 43.29
N ARG B 18 -5.91 22.56 43.01
CA ARG B 18 -5.25 21.99 41.81
C ARG B 18 -4.35 20.84 42.25
N VAL B 19 -4.14 19.80 41.42
CA VAL B 19 -3.29 18.68 41.79
C VAL B 19 -2.36 18.38 40.62
N ALA B 20 -1.23 17.76 40.94
CA ALA B 20 -0.24 17.42 39.94
C ALA B 20 0.32 16.03 40.24
N MET B 21 0.38 15.18 39.21
CA MET B 21 0.97 13.86 39.31
C MET B 21 2.01 13.68 38.22
N THR B 22 3.09 12.97 38.55
CA THR B 22 4.24 12.82 37.68
C THR B 22 4.37 11.38 37.23
N CYS B 23 4.61 11.19 35.93
CA CYS B 23 4.86 9.88 35.35
C CYS B 23 6.19 9.94 34.61
N LYS B 24 7.12 9.05 34.98
CA LYS B 24 8.47 9.05 34.44
C LYS B 24 8.77 7.70 33.81
N ALA B 25 9.49 7.74 32.69
CA ALA B 25 9.90 6.54 31.97
C ALA B 25 11.36 6.22 32.26
N SER B 26 11.80 5.05 31.79
CA SER B 26 13.17 4.62 31.97
C SER B 26 14.06 4.99 30.80
N GLN B 27 13.49 5.27 29.63
CA GLN B 27 14.24 5.70 28.47
C GLN B 27 13.41 6.70 27.69
N SER B 28 14.07 7.49 26.87
CA SER B 28 13.37 8.53 26.10
C SER B 28 12.27 7.90 25.26
N VAL B 29 11.08 8.50 25.33
CA VAL B 29 9.94 8.05 24.53
C VAL B 29 9.35 9.24 23.78
N ASN B 30 10.14 10.31 23.66
CA ASN B 30 9.72 11.52 22.94
C ASN B 30 8.39 11.98 23.56
N ASP B 31 7.30 12.08 22.80
CA ASP B 31 6.02 12.52 23.34
C ASP B 31 4.91 11.52 23.05
N ASP B 32 5.23 10.22 23.04
CA ASP B 32 4.21 9.18 22.86
C ASP B 32 3.76 8.73 24.24
N VAL B 33 2.76 9.43 24.76
CA VAL B 33 2.23 9.18 26.09
C VAL B 33 0.78 9.61 26.12
N ALA B 34 -0.03 8.94 26.95
CA ALA B 34 -1.43 9.26 27.11
C ALA B 34 -1.83 9.07 28.57
N TRP B 35 -2.91 9.75 28.96
CA TRP B 35 -3.44 9.69 30.31
C TRP B 35 -4.90 9.26 30.26
N TYR B 36 -5.23 8.22 31.01
CA TYR B 36 -6.58 7.68 31.07
C TYR B 36 -7.19 7.91 32.44
N GLN B 37 -8.51 8.04 32.47
CA GLN B 37 -9.28 8.16 33.70
C GLN B 37 -10.26 6.99 33.77
N GLN B 38 -10.29 6.31 34.91
CA GLN B 38 -11.19 5.18 35.14
C GLN B 38 -12.08 5.50 36.32
N LYS B 39 -13.37 5.71 36.05
CA LYS B 39 -14.35 5.94 37.13
C LYS B 39 -14.62 4.58 37.77
N PRO B 40 -14.99 4.51 39.06
CA PRO B 40 -15.32 3.23 39.70
C PRO B 40 -16.39 2.48 38.92
N GLY B 41 -16.13 1.20 38.68
CA GLY B 41 -17.07 0.39 37.89
C GLY B 41 -17.30 0.92 36.50
N GLN B 42 -16.23 1.31 35.80
CA GLN B 42 -16.35 1.85 34.46
C GLN B 42 -15.04 1.63 33.71
N SER B 43 -15.14 1.36 32.41
CA SER B 43 -13.93 1.19 31.56
C SER B 43 -13.16 2.51 31.49
N PRO B 44 -11.83 2.49 31.33
CA PRO B 44 -11.03 3.70 31.21
C PRO B 44 -11.39 4.50 29.97
N LYS B 45 -11.14 5.82 30.04
CA LYS B 45 -11.47 6.76 28.95
C LYS B 45 -10.28 7.68 28.70
N LEU B 46 -9.83 7.82 27.46
CA LEU B 46 -8.70 8.67 27.14
C LEU B 46 -8.97 10.10 27.59
N LEU B 47 -7.95 10.74 28.13
CA LEU B 47 -8.08 12.10 28.63
C LEU B 47 -7.03 13.04 28.03
N ILE B 48 -5.81 12.55 27.83
CA ILE B 48 -4.74 13.32 27.20
C ILE B 48 -3.93 12.38 26.34
N ASN B 49 -3.57 12.83 25.13
CA ASN B 49 -2.77 12.03 24.22
C ASN B 49 -1.68 12.91 23.63
N PHE B 50 -0.58 12.27 23.23
CA PHE B 50 0.62 12.94 22.74
C PHE B 50 1.28 13.78 23.84
N ALA B 51 0.88 13.57 25.09
CA ALA B 51 1.51 14.16 26.26
C ALA B 51 1.17 15.64 26.44
N SER B 52 0.53 16.26 25.45
CA SER B 52 0.06 17.63 25.62
C SER B 52 -1.33 17.89 25.05
N ASN B 53 -1.81 17.12 24.08
CA ASN B 53 -3.08 17.43 23.44
C ASN B 53 -4.24 17.08 24.34
N ARG B 54 -5.33 17.83 24.19
CA ARG B 54 -6.58 17.56 24.88
C ARG B 54 -7.55 16.89 23.91
N TYR B 55 -8.01 15.69 24.26
CA TYR B 55 -8.89 14.95 23.38
C TYR B 55 -10.23 15.69 23.23
N THR B 56 -10.89 15.44 22.11
CA THR B 56 -12.15 16.09 21.81
C THR B 56 -13.16 15.82 22.92
N GLY B 57 -13.84 16.88 23.35
CA GLY B 57 -14.86 16.76 24.38
C GLY B 57 -14.35 16.80 25.80
N VAL B 58 -13.03 16.73 26.00
CA VAL B 58 -12.47 16.78 27.34
C VAL B 58 -12.52 18.22 27.83
N PRO B 59 -13.10 18.50 29.01
CA PRO B 59 -13.18 19.88 29.48
C PRO B 59 -11.79 20.46 29.73
N ASP B 60 -11.75 21.78 29.93
CA ASP B 60 -10.49 22.51 29.92
C ASP B 60 -9.71 22.39 31.23
N ARG B 61 -10.28 21.76 32.26
CA ARG B 61 -9.58 21.69 33.53
C ARG B 61 -8.30 20.87 33.42
N PHE B 62 -8.33 19.80 32.63
CA PHE B 62 -7.19 18.90 32.53
C PHE B 62 -6.16 19.44 31.55
N THR B 63 -4.88 19.32 31.91
CA THR B 63 -3.78 19.75 31.07
C THR B 63 -2.59 18.83 31.28
N GLY B 64 -1.85 18.57 30.21
CA GLY B 64 -0.66 17.75 30.28
C GLY B 64 0.51 18.43 29.59
N SER B 65 1.70 17.99 29.95
CA SER B 65 2.92 18.55 29.39
C SER B 65 4.07 17.58 29.65
N GLY B 66 5.17 17.81 28.95
CA GLY B 66 6.37 17.02 29.11
C GLY B 66 6.87 16.47 27.79
N TYR B 67 8.18 16.28 27.71
CA TYR B 67 8.80 15.69 26.52
C TYR B 67 10.07 14.99 26.96
N GLY B 68 10.37 13.87 26.30
CA GLY B 68 11.53 13.08 26.65
C GLY B 68 11.20 11.95 27.60
N THR B 69 11.46 12.15 28.88
CA THR B 69 11.23 11.13 29.90
C THR B 69 10.29 11.56 31.01
N ASP B 70 10.35 12.82 31.44
CA ASP B 70 9.54 13.30 32.56
C ASP B 70 8.26 13.93 32.04
N PHE B 71 7.12 13.43 32.52
CA PHE B 71 5.81 13.90 32.09
C PHE B 71 5.01 14.32 33.31
N THR B 72 4.01 15.18 33.09
CA THR B 72 3.20 15.71 34.17
C THR B 72 1.76 15.86 33.72
N PHE B 73 0.83 15.59 34.64
CA PHE B 73 -0.59 15.77 34.42
C PHE B 73 -1.15 16.65 35.54
N THR B 74 -1.93 17.66 35.17
CA THR B 74 -2.40 18.66 36.12
C THR B 74 -3.87 18.95 35.88
N ILE B 75 -4.57 19.29 36.97
CA ILE B 75 -5.97 19.69 36.91
C ILE B 75 -6.07 21.09 37.51
N SER B 76 -6.65 22.03 36.75
CA SER B 76 -6.72 23.41 37.21
C SER B 76 -7.57 23.52 38.48
N THR B 77 -8.73 22.85 38.49
CA THR B 77 -9.61 22.86 39.64
C THR B 77 -10.34 21.53 39.70
N VAL B 78 -10.36 20.90 40.87
CA VAL B 78 -10.99 19.60 41.05
C VAL B 78 -12.47 19.80 41.32
N GLN B 79 -13.31 19.08 40.59
CA GLN B 79 -14.75 19.12 40.77
C GLN B 79 -15.18 17.96 41.67
N ALA B 80 -16.50 17.85 41.86
CA ALA B 80 -17.03 16.82 42.76
C ALA B 80 -16.85 15.43 42.17
N GLU B 81 -17.14 15.26 40.88
CA GLU B 81 -17.13 13.96 40.24
C GLU B 81 -15.78 13.62 39.61
N ASP B 82 -14.68 14.21 40.08
CA ASP B 82 -13.38 13.98 39.47
C ASP B 82 -12.60 12.88 40.17
N LEU B 83 -13.13 12.27 41.22
CA LEU B 83 -12.43 11.18 41.88
C LEU B 83 -12.48 9.94 41.00
N ALA B 84 -11.32 9.38 40.69
CA ALA B 84 -11.20 8.26 39.76
C ALA B 84 -9.77 7.73 39.84
N PHE B 85 -9.46 6.81 38.94
CA PHE B 85 -8.13 6.21 38.86
C PHE B 85 -7.44 6.75 37.61
N TYR B 86 -6.23 7.28 37.78
CA TYR B 86 -5.46 7.89 36.71
C TYR B 86 -4.15 7.15 36.52
N PHE B 87 -3.83 6.83 35.27
CA PHE B 87 -2.59 6.13 34.96
C PHE B 87 -2.07 6.58 33.60
N CYS B 88 -0.75 6.47 33.44
CA CYS B 88 -0.06 6.90 32.24
C CYS B 88 0.37 5.69 31.42
N GLN B 89 0.11 5.75 30.10
CA GLN B 89 0.47 4.68 29.19
C GLN B 89 1.31 5.23 28.05
N GLN B 90 2.42 4.56 27.76
CA GLN B 90 3.31 4.94 26.69
C GLN B 90 3.03 4.11 25.43
N ASP B 91 3.33 4.71 24.28
CA ASP B 91 3.12 4.05 23.00
C ASP B 91 4.40 4.09 22.15
N TYR B 92 5.56 4.22 22.77
CA TYR B 92 6.82 4.29 22.02
C TYR B 92 7.02 3.02 21.19
N SER B 93 6.93 1.86 21.83
CA SER B 93 7.16 0.60 21.15
C SER B 93 6.49 -0.52 21.92
N SER B 94 6.18 -1.60 21.23
CA SER B 94 5.60 -2.77 21.88
C SER B 94 6.66 -3.46 22.73
N PRO B 95 6.26 -4.09 23.85
CA PRO B 95 4.90 -4.21 24.40
C PRO B 95 4.45 -2.93 25.10
N PHE B 96 3.18 -2.56 24.96
CA PHE B 96 2.67 -1.37 25.62
C PHE B 96 2.60 -1.59 27.13
N THR B 97 2.96 -0.57 27.89
CA THR B 97 2.99 -0.66 29.35
C THR B 97 2.11 0.44 29.94
N PHE B 98 1.84 0.30 31.23
CA PHE B 98 1.06 1.29 31.97
C PHE B 98 1.79 1.62 33.27
N GLY B 99 1.57 2.83 33.75
CA GLY B 99 2.07 3.21 35.05
C GLY B 99 1.29 2.52 36.16
N SER B 100 1.85 2.54 37.37
CA SER B 100 1.19 1.92 38.50
C SER B 100 -0.15 2.57 38.82
N GLY B 101 -0.40 3.78 38.32
CA GLY B 101 -1.66 4.45 38.54
C GLY B 101 -1.67 5.27 39.83
N THR B 102 -2.69 6.13 39.92
CA THR B 102 -2.83 7.03 41.05
C THR B 102 -4.30 7.07 41.46
N LYS B 103 -4.56 7.13 42.77
CA LYS B 103 -5.91 7.15 43.31
C LYS B 103 -6.22 8.53 43.86
N LEU B 104 -7.38 9.06 43.48
CA LEU B 104 -7.80 10.42 43.86
C LEU B 104 -9.07 10.32 44.71
N GLU B 105 -9.03 10.95 45.87
CA GLU B 105 -10.19 11.05 46.76
C GLU B 105 -10.37 12.49 47.22
N ILE B 106 -11.63 12.86 47.46
CA ILE B 106 -12.02 14.24 47.69
C ILE B 106 -12.25 14.46 49.18
N LYS B 107 -11.64 15.52 49.71
CA LYS B 107 -11.88 15.97 51.07
C LYS B 107 -13.23 16.69 51.14
N ARG B 108 -13.78 16.81 52.36
CA ARG B 108 -15.08 17.50 52.54
C ARG B 108 -15.33 17.83 54.02
N THR B 109 -16.52 18.34 54.35
CA THR B 109 -16.90 18.71 55.72
C THR B 109 -16.96 17.48 56.58
N VAL B 110 -16.87 17.64 57.91
CA VAL B 110 -17.05 16.48 58.83
C VAL B 110 -18.55 16.17 58.89
N ALA B 111 -18.95 14.91 58.69
CA ALA B 111 -20.35 14.49 58.73
C ALA B 111 -20.50 13.37 59.75
N ALA B 112 -21.62 13.38 60.48
CA ALA B 112 -21.82 12.41 61.55
C ALA B 112 -22.58 11.19 61.03
N PRO B 113 -22.18 9.98 61.42
CA PRO B 113 -22.87 8.78 60.95
C PRO B 113 -24.25 8.62 61.58
N SER B 114 -25.08 7.86 60.88
CA SER B 114 -26.36 7.40 61.40
C SER B 114 -26.28 5.89 61.62
N VAL B 115 -26.64 5.45 62.82
CA VAL B 115 -26.38 4.09 63.28
C VAL B 115 -27.68 3.31 63.26
N PHE B 116 -27.61 2.06 62.79
CA PHE B 116 -28.72 1.12 62.81
C PHE B 116 -28.20 -0.27 63.15
N ILE B 117 -29.10 -1.10 63.68
CA ILE B 117 -28.76 -2.48 64.02
C ILE B 117 -29.85 -3.39 63.47
N PHE B 118 -29.48 -4.65 63.21
CA PHE B 118 -30.38 -5.60 62.57
C PHE B 118 -30.30 -6.94 63.30
N PRO B 119 -31.38 -7.44 63.87
CA PRO B 119 -31.36 -8.79 64.47
C PRO B 119 -31.33 -9.85 63.38
N PRO B 120 -30.93 -11.08 63.72
CA PRO B 120 -30.94 -12.16 62.73
C PRO B 120 -32.36 -12.53 62.32
N SER B 121 -32.48 -13.01 61.09
CA SER B 121 -33.77 -13.43 60.55
C SER B 121 -34.15 -14.81 61.08
N ASP B 122 -35.45 -15.12 60.99
CA ASP B 122 -35.95 -16.40 61.51
C ASP B 122 -35.35 -17.58 60.75
N GLU B 123 -35.37 -17.52 59.43
CA GLU B 123 -34.78 -18.60 58.64
C GLU B 123 -33.30 -18.74 58.97
N GLN B 124 -32.64 -17.63 59.34
CA GLN B 124 -31.25 -17.73 59.77
C GLN B 124 -31.14 -18.53 61.06
N LEU B 125 -32.17 -18.43 61.92
CA LEU B 125 -32.20 -19.26 63.14
C LEU B 125 -32.38 -20.72 62.71
N LYS B 126 -33.29 -21.00 61.75
CA LYS B 126 -33.56 -22.37 61.33
C LYS B 126 -32.31 -23.00 60.72
N SER B 127 -31.52 -22.20 59.99
CA SER B 127 -30.32 -22.73 59.34
C SER B 127 -29.30 -23.27 60.33
N GLY B 128 -29.12 -22.59 61.46
CA GLY B 128 -28.15 -22.98 62.45
C GLY B 128 -27.06 -21.96 62.74
N THR B 129 -27.19 -20.74 62.24
CA THR B 129 -26.20 -19.70 62.43
C THR B 129 -26.88 -18.43 62.92
N ALA B 130 -26.11 -17.55 63.56
CA ALA B 130 -26.59 -16.29 64.08
C ALA B 130 -25.73 -15.16 63.52
N SER B 131 -26.38 -14.11 63.02
CA SER B 131 -25.70 -12.96 62.45
C SER B 131 -26.34 -11.68 62.95
N VAL B 132 -25.51 -10.68 63.24
CA VAL B 132 -25.97 -9.36 63.68
C VAL B 132 -25.20 -8.32 62.88
N VAL B 133 -25.92 -7.30 62.40
CA VAL B 133 -25.36 -6.30 61.50
C VAL B 133 -25.55 -4.92 62.12
N CYS B 134 -24.48 -4.13 62.13
CA CYS B 134 -24.51 -2.73 62.56
C CYS B 134 -24.17 -1.87 61.36
N LEU B 135 -24.95 -0.81 61.15
CA LEU B 135 -24.87 0.01 59.95
C LEU B 135 -24.45 1.44 60.29
N LEU B 136 -23.69 2.04 59.39
CA LEU B 136 -23.34 3.47 59.45
C LEU B 136 -23.71 4.08 58.10
N ASN B 137 -24.76 4.90 58.09
CA ASN B 137 -25.41 5.40 56.84
C ASN B 137 -24.60 6.39 56.01
N ASN B 138 -23.98 7.41 56.61
CA ASN B 138 -23.21 8.45 55.85
C ASN B 138 -22.34 9.21 56.82
N PHE B 139 -21.02 9.18 56.64
CA PHE B 139 -20.09 9.89 57.53
C PHE B 139 -18.79 10.10 56.79
N TYR B 140 -17.91 10.89 57.40
CA TYR B 140 -16.58 11.15 56.86
C TYR B 140 -15.70 11.62 58.00
N PRO B 141 -14.39 11.30 58.09
CA PRO B 141 -13.71 10.39 57.19
C PRO B 141 -13.92 8.94 57.56
N ARG B 142 -13.21 8.00 56.91
CA ARG B 142 -13.46 6.56 57.16
C ARG B 142 -13.13 6.23 58.61
N GLU B 143 -12.14 6.91 59.18
CA GLU B 143 -11.77 6.68 60.60
C GLU B 143 -13.08 6.58 61.40
N ALA B 144 -13.35 5.42 61.99
CA ALA B 144 -14.58 5.19 62.80
C ALA B 144 -14.44 3.87 63.54
N LYS B 145 -14.42 3.89 64.87
CA LYS B 145 -14.28 2.67 65.70
C LYS B 145 -15.67 2.08 65.98
N VAL B 146 -15.87 0.77 65.79
CA VAL B 146 -17.11 0.09 66.17
C VAL B 146 -16.75 -1.15 66.97
N GLN B 147 -17.54 -1.43 68.01
CA GLN B 147 -17.35 -2.61 68.83
C GLN B 147 -18.71 -3.23 69.13
N TRP B 148 -18.76 -4.56 69.32
CA TRP B 148 -20.02 -5.28 69.67
C TRP B 148 -20.06 -5.46 71.19
N LYS B 149 -21.24 -5.52 71.80
CA LYS B 149 -21.38 -5.58 73.28
C LYS B 149 -22.63 -6.39 73.69
N VAL B 150 -22.53 -7.72 73.75
CA VAL B 150 -23.69 -8.61 74.10
C VAL B 150 -23.75 -8.76 75.63
N ASP B 151 -24.88 -8.44 76.26
CA ASP B 151 -25.05 -8.60 77.71
C ASP B 151 -23.84 -8.04 78.44
N ASN B 152 -23.34 -6.89 77.95
CA ASN B 152 -22.14 -6.24 78.54
C ASN B 152 -20.97 -7.22 78.39
N ALA B 153 -20.63 -7.59 77.15
CA ALA B 153 -19.49 -8.47 76.89
C ALA B 153 -18.79 -8.00 75.63
N LEU B 154 -17.47 -7.80 75.70
CA LEU B 154 -16.70 -7.30 74.52
C LEU B 154 -16.27 -8.52 73.69
N GLN B 155 -16.30 -8.42 72.37
CA GLN B 155 -15.98 -9.55 71.47
C GLN B 155 -14.59 -9.37 70.84
N SER B 156 -14.02 -10.39 70.17
CA SER B 156 -12.75 -10.25 69.46
C SER B 156 -12.63 -11.39 68.46
N GLY B 157 -12.32 -11.06 67.22
CA GLY B 157 -12.09 -12.07 66.20
C GLY B 157 -13.33 -12.72 65.66
N ASN B 158 -14.51 -12.14 65.87
CA ASN B 158 -15.76 -12.70 65.35
C ASN B 158 -16.58 -11.64 64.60
N SER B 159 -15.93 -10.64 64.01
CA SER B 159 -16.62 -9.61 63.27
C SER B 159 -15.76 -9.18 62.08
N GLN B 160 -16.43 -8.65 61.06
CA GLN B 160 -15.79 -8.23 59.83
C GLN B 160 -16.29 -6.84 59.45
N GLU B 161 -15.47 -6.13 58.68
CA GLU B 161 -15.75 -4.75 58.28
C GLU B 161 -15.74 -4.63 56.77
N SER B 162 -16.71 -3.91 56.23
CA SER B 162 -16.78 -3.59 54.81
C SER B 162 -17.07 -2.11 54.65
N VAL B 163 -16.26 -1.43 53.84
CA VAL B 163 -16.35 0.01 53.65
C VAL B 163 -16.69 0.28 52.20
N THR B 164 -17.77 1.03 51.96
CA THR B 164 -18.11 1.44 50.62
C THR B 164 -17.11 2.49 50.13
N GLU B 165 -16.90 2.52 48.81
CA GLU B 165 -16.03 3.52 48.24
C GLU B 165 -16.66 4.91 48.37
N GLN B 166 -15.82 5.94 48.27
CA GLN B 166 -16.29 7.30 48.45
C GLN B 166 -17.41 7.60 47.46
N ASP B 167 -18.50 8.16 47.97
CA ASP B 167 -19.63 8.51 47.11
C ASP B 167 -19.21 9.59 46.12
N SER B 168 -19.71 9.46 44.89
CA SER B 168 -19.33 10.38 43.83
C SER B 168 -20.07 11.72 43.91
N LYS B 169 -21.11 11.82 44.74
CA LYS B 169 -21.92 13.03 44.83
C LYS B 169 -21.63 13.81 46.12
N ASP B 170 -21.78 13.18 47.27
CA ASP B 170 -21.57 13.84 48.55
C ASP B 170 -20.25 13.45 49.21
N SER B 171 -19.52 12.48 48.64
CA SER B 171 -18.21 12.10 49.16
C SER B 171 -18.29 11.67 50.62
N THR B 172 -19.25 10.80 50.92
CA THR B 172 -19.42 10.24 52.26
C THR B 172 -19.10 8.75 52.25
N TYR B 173 -19.05 8.17 53.44
CA TYR B 173 -18.67 6.78 53.65
C TYR B 173 -19.78 6.04 54.39
N SER B 174 -19.82 4.72 54.17
CA SER B 174 -20.74 3.84 54.87
C SER B 174 -19.95 2.65 55.41
N LEU B 175 -20.30 2.22 56.63
CA LEU B 175 -19.60 1.15 57.31
C LEU B 175 -20.60 0.08 57.73
N SER B 176 -20.23 -1.19 57.50
CA SER B 176 -21.04 -2.32 57.91
C SER B 176 -20.18 -3.25 58.76
N SER B 177 -20.67 -3.62 59.93
CA SER B 177 -19.99 -4.53 60.83
C SER B 177 -20.89 -5.74 61.06
N THR B 178 -20.35 -6.94 60.85
CA THR B 178 -21.09 -8.18 60.96
C THR B 178 -20.61 -8.93 62.19
N LEU B 179 -21.53 -9.59 62.89
CA LEU B 179 -21.21 -10.43 64.04
C LEU B 179 -21.83 -11.80 63.83
N THR B 180 -20.99 -12.79 63.55
CA THR B 180 -21.43 -14.18 63.38
C THR B 180 -21.40 -14.81 64.75
N LEU B 181 -22.23 -15.83 64.97
CA LEU B 181 -22.31 -16.53 66.28
C LEU B 181 -22.96 -17.89 65.99
N SER B 182 -23.07 -18.78 66.98
CA SER B 182 -23.80 -20.06 66.80
C SER B 182 -25.21 -19.84 67.36
N LYS B 183 -26.15 -20.77 67.12
CA LYS B 183 -27.52 -20.65 67.67
C LYS B 183 -27.50 -20.89 69.18
N ALA B 184 -26.52 -21.62 69.71
CA ALA B 184 -26.41 -21.84 71.15
C ALA B 184 -26.07 -20.55 71.88
N ASP B 185 -25.02 -19.86 71.42
CA ASP B 185 -24.59 -18.64 72.11
C ASP B 185 -25.63 -17.53 71.98
N TYR B 186 -26.26 -17.40 70.81
CA TYR B 186 -27.28 -16.34 70.56
C TYR B 186 -28.49 -16.56 71.46
N GLU B 187 -29.00 -17.78 71.53
CA GLU B 187 -30.10 -18.13 72.41
C GLU B 187 -29.68 -18.15 73.87
N LYS B 188 -28.39 -18.15 74.15
CA LYS B 188 -27.87 -18.09 75.51
C LYS B 188 -27.80 -16.68 76.07
N HIS B 189 -28.04 -15.66 75.24
CA HIS B 189 -27.93 -14.27 75.66
C HIS B 189 -29.12 -13.47 75.14
N LYS B 190 -29.49 -12.38 75.82
CA LYS B 190 -30.72 -11.62 75.46
C LYS B 190 -30.39 -10.22 74.95
N VAL B 191 -29.60 -9.46 75.71
CA VAL B 191 -29.26 -8.05 75.33
C VAL B 191 -28.10 -8.06 74.32
N TYR B 192 -28.16 -7.24 73.28
CA TYR B 192 -27.12 -7.00 72.29
C TYR B 192 -27.01 -5.51 72.03
N ALA B 193 -25.77 -5.02 71.93
CA ALA B 193 -25.53 -3.59 71.81
C ALA B 193 -24.34 -3.35 70.90
N CYS B 194 -24.46 -2.36 69.99
CA CYS B 194 -23.35 -1.98 69.07
C CYS B 194 -23.12 -0.47 69.22
N GLU B 195 -21.92 -0.06 69.63
CA GLU B 195 -21.58 1.39 69.81
C GLU B 195 -20.50 1.77 68.80
N VAL B 196 -20.45 3.03 68.35
CA VAL B 196 -19.42 3.51 67.43
C VAL B 196 -18.76 4.75 68.05
N ASP C 1 -3.37 -13.83 -17.64
CA ASP C 1 -2.49 -12.63 -17.73
C ASP C 1 -3.00 -11.72 -18.85
N VAL C 2 -2.10 -11.07 -19.62
CA VAL C 2 -2.48 -10.19 -20.76
C VAL C 2 -2.17 -10.98 -22.03
N GLN C 3 -3.08 -10.95 -23.00
CA GLN C 3 -2.91 -11.74 -24.24
C GLN C 3 -3.41 -10.87 -25.40
N LEU C 4 -2.77 -10.97 -26.56
CA LEU C 4 -3.13 -10.17 -27.74
C LEU C 4 -3.58 -11.11 -28.87
N GLN C 5 -4.77 -10.91 -29.43
CA GLN C 5 -5.31 -11.76 -30.52
C GLN C 5 -5.54 -10.91 -31.78
N GLU C 6 -4.85 -11.22 -32.89
CA GLU C 6 -5.01 -10.45 -34.15
C GLU C 6 -6.21 -11.00 -34.91
N SER C 7 -6.80 -10.25 -35.84
CA SER C 7 -7.97 -10.66 -36.60
C SER C 7 -8.08 -9.77 -37.83
N GLY C 8 -8.34 -10.40 -38.98
CA GLY C 8 -8.50 -9.68 -40.23
C GLY C 8 -8.46 -10.60 -41.42
N PRO C 9 -8.63 -10.04 -42.62
CA PRO C 9 -8.62 -10.87 -43.83
C PRO C 9 -7.23 -11.41 -44.12
N GLY C 10 -7.21 -12.51 -44.88
CA GLY C 10 -5.97 -13.18 -45.21
C GLY C 10 -5.36 -12.71 -46.51
N LEU C 11 -6.20 -12.40 -47.50
CA LEU C 11 -5.74 -11.94 -48.81
C LEU C 11 -6.18 -10.50 -49.04
N VAL C 12 -5.32 -9.75 -49.73
CA VAL C 12 -5.58 -8.36 -50.07
C VAL C 12 -5.14 -8.11 -51.50
N LYS C 13 -5.93 -7.36 -52.25
CA LYS C 13 -5.56 -7.03 -53.62
C LYS C 13 -4.45 -5.97 -53.62
N PRO C 14 -3.55 -6.00 -54.60
CA PRO C 14 -2.50 -4.98 -54.65
C PRO C 14 -3.08 -3.59 -54.75
N SER C 15 -2.42 -2.64 -54.09
CA SER C 15 -2.76 -1.22 -54.12
C SER C 15 -3.98 -0.87 -53.27
N GLN C 16 -4.57 -1.86 -52.61
CA GLN C 16 -5.81 -1.62 -51.80
C GLN C 16 -5.39 -1.24 -50.38
N SER C 17 -6.33 -1.27 -49.42
CA SER C 17 -6.04 -0.91 -48.01
C SER C 17 -6.48 -2.05 -47.07
N LEU C 18 -5.58 -2.55 -46.22
CA LEU C 18 -5.86 -3.63 -45.29
C LEU C 18 -6.27 -3.06 -43.94
N SER C 19 -6.86 -3.91 -43.10
CA SER C 19 -7.28 -3.53 -41.76
C SER C 19 -6.95 -4.67 -40.81
N LEU C 20 -6.38 -4.33 -39.66
CA LEU C 20 -6.04 -5.31 -38.63
C LEU C 20 -6.48 -4.78 -37.27
N THR C 21 -6.75 -5.71 -36.36
CA THR C 21 -7.25 -5.37 -35.03
C THR C 21 -6.58 -6.29 -34.02
N CYS C 22 -5.99 -5.71 -32.98
CA CYS C 22 -5.30 -6.44 -31.93
C CYS C 22 -6.03 -6.17 -30.61
N THR C 23 -6.91 -7.10 -30.23
CA THR C 23 -7.73 -6.95 -29.03
C THR C 23 -6.96 -7.43 -27.82
N VAL C 24 -6.87 -6.58 -26.79
CA VAL C 24 -6.13 -6.86 -25.57
C VAL C 24 -7.13 -7.11 -24.45
N THR C 25 -6.86 -8.14 -23.65
CA THR C 25 -7.66 -8.47 -22.48
C THR C 25 -6.75 -8.69 -21.28
N GLY C 26 -7.28 -8.45 -20.09
CA GLY C 26 -6.49 -8.51 -18.88
C GLY C 26 -5.69 -7.25 -18.59
N TYR C 27 -5.76 -6.22 -19.40
CA TYR C 27 -5.06 -4.95 -19.10
C TYR C 27 -5.83 -3.89 -19.81
N SER C 28 -5.49 -2.62 -19.62
CA SER C 28 -6.17 -1.56 -20.38
C SER C 28 -5.07 -0.83 -21.14
N ILE C 29 -5.32 -0.45 -22.37
CA ILE C 29 -4.29 0.20 -23.17
C ILE C 29 -3.98 1.59 -22.65
N THR C 30 -5.00 2.36 -22.27
CA THR C 30 -4.80 3.71 -21.78
C THR C 30 -4.04 3.75 -20.45
N SER C 31 -3.89 2.62 -19.76
CA SER C 31 -3.21 2.63 -18.47
C SER C 31 -1.74 2.99 -18.61
N ASP C 32 -1.02 2.30 -19.50
CA ASP C 32 0.42 2.51 -19.66
C ASP C 32 0.90 1.68 -20.83
N TYR C 33 2.20 1.79 -21.12
CA TYR C 33 2.87 0.95 -22.11
C TYR C 33 2.43 1.28 -23.53
N ALA C 34 3.27 0.94 -24.51
CA ALA C 34 3.00 1.19 -25.92
C ALA C 34 2.68 -0.13 -26.61
N TRP C 35 1.86 -0.05 -27.66
CA TRP C 35 1.31 -1.22 -28.33
C TRP C 35 1.75 -1.17 -29.80
N ASN C 36 2.72 -2.02 -30.13
CA ASN C 36 3.39 -1.94 -31.44
C ASN C 36 2.81 -2.86 -32.49
N TRP C 37 3.45 -2.93 -33.65
CA TRP C 37 3.10 -3.81 -34.74
C TRP C 37 4.37 -4.25 -35.44
N ILE C 38 4.59 -5.56 -35.51
CA ILE C 38 5.79 -6.13 -36.11
C ILE C 38 5.36 -7.16 -37.14
N ARG C 39 6.16 -7.28 -38.20
CA ARG C 39 5.88 -8.21 -39.28
C ARG C 39 7.14 -8.98 -39.64
N GLN C 40 6.96 -10.26 -39.96
CA GLN C 40 8.05 -11.14 -40.37
C GLN C 40 7.82 -11.57 -41.81
N PHE C 41 8.81 -11.35 -42.66
CA PHE C 41 8.67 -11.65 -44.07
C PHE C 41 8.84 -13.15 -44.32
N PRO C 42 8.38 -13.65 -45.46
CA PRO C 42 8.56 -15.08 -45.76
C PRO C 42 10.02 -15.52 -45.72
N GLY C 43 10.95 -14.61 -45.97
CA GLY C 43 12.37 -14.94 -45.90
C GLY C 43 12.91 -14.89 -44.49
N ASN C 44 12.07 -15.16 -43.48
CA ASN C 44 12.50 -15.17 -42.05
C ASN C 44 13.21 -13.84 -41.76
N LYS C 45 12.57 -12.71 -42.11
CA LYS C 45 13.11 -11.39 -41.81
C LYS C 45 12.06 -10.57 -41.08
N LEU C 46 12.43 -10.05 -39.91
CA LEU C 46 11.54 -9.26 -39.08
C LEU C 46 11.78 -7.77 -39.29
N GLU C 47 10.76 -6.96 -38.98
CA GLU C 47 10.84 -5.53 -39.18
C GLU C 47 9.77 -4.85 -38.35
N TRP C 48 10.19 -3.93 -37.48
CA TRP C 48 9.25 -3.14 -36.68
C TRP C 48 8.49 -2.19 -37.60
N MET C 49 7.23 -1.94 -37.25
CA MET C 49 6.34 -1.22 -38.16
C MET C 49 5.73 0.03 -37.55
N GLY C 50 5.75 0.17 -36.23
CA GLY C 50 5.18 1.36 -35.60
C GLY C 50 4.69 1.01 -34.21
N TYR C 51 4.07 1.99 -33.56
CA TYR C 51 3.51 1.80 -32.18
C TYR C 51 2.55 2.94 -31.88
N ILE C 52 1.73 2.80 -30.85
CA ILE C 52 0.78 3.86 -30.40
C ILE C 52 0.82 3.88 -28.87
N SER C 53 1.26 4.96 -28.25
CA SER C 53 1.42 5.01 -26.80
C SER C 53 0.06 5.10 -26.12
N TYR C 54 0.08 5.08 -24.78
CA TYR C 54 -1.16 5.17 -24.02
C TYR C 54 -1.75 6.57 -24.04
N SER C 55 -0.91 7.61 -24.08
CA SER C 55 -1.39 8.97 -24.10
C SER C 55 -1.99 9.37 -25.45
N GLY C 56 -1.66 8.65 -26.53
CA GLY C 56 -2.17 8.95 -27.85
C GLY C 56 -1.11 9.33 -28.86
N SER C 57 0.16 9.40 -28.46
CA SER C 57 1.22 9.76 -29.39
C SER C 57 1.62 8.52 -30.21
N THR C 58 1.67 8.69 -31.53
CA THR C 58 1.93 7.59 -32.45
C THR C 58 3.26 7.82 -33.16
N SER C 59 4.13 6.82 -33.14
CA SER C 59 5.39 6.83 -33.87
C SER C 59 5.33 5.80 -34.98
N TYR C 60 6.00 6.11 -36.10
CA TYR C 60 5.96 5.27 -37.29
C TYR C 60 7.38 4.94 -37.75
N ASN C 61 7.46 4.03 -38.71
CA ASN C 61 8.74 3.61 -39.26
C ASN C 61 9.15 4.53 -40.41
N PRO C 62 10.35 5.12 -40.37
CA PRO C 62 10.73 6.04 -41.45
C PRO C 62 10.66 5.42 -42.83
N SER C 63 11.06 4.16 -42.97
CA SER C 63 11.04 3.52 -44.28
C SER C 63 9.62 3.36 -44.82
N LEU C 64 8.64 3.15 -43.93
CA LEU C 64 7.26 3.00 -44.35
C LEU C 64 6.57 4.35 -44.57
N LYS C 65 7.26 5.45 -44.30
CA LYS C 65 6.79 6.79 -44.64
C LYS C 65 5.34 7.03 -44.24
N SER C 66 4.55 7.67 -45.09
CA SER C 66 3.17 8.03 -44.78
C SER C 66 2.16 7.00 -45.24
N ARG C 67 2.58 5.73 -45.38
CA ARG C 67 1.70 4.67 -45.84
C ARG C 67 1.03 3.94 -44.69
N ILE C 68 1.27 4.35 -43.45
CA ILE C 68 0.75 3.67 -42.27
C ILE C 68 -0.15 4.63 -41.50
N SER C 69 -1.07 4.05 -40.72
CA SER C 69 -1.98 4.84 -39.90
C SER C 69 -2.44 3.97 -38.74
N ILE C 70 -2.03 4.32 -37.52
CA ILE C 70 -2.39 3.59 -36.32
C ILE C 70 -3.44 4.38 -35.54
N THR C 71 -4.49 3.70 -35.10
CA THR C 71 -5.54 4.33 -34.31
C THR C 71 -5.79 3.50 -33.05
N ARG C 72 -6.79 3.88 -32.26
CA ARG C 72 -7.14 3.11 -31.05
C ARG C 72 -8.58 3.39 -30.65
N ASP C 73 -9.16 2.50 -29.84
CA ASP C 73 -10.52 2.66 -29.31
C ASP C 73 -10.48 2.21 -27.86
N THR C 74 -10.56 3.18 -26.94
CA THR C 74 -10.42 2.86 -25.52
C THR C 74 -11.58 2.02 -25.00
N SER C 75 -12.79 2.23 -25.54
CA SER C 75 -13.94 1.50 -25.04
C SER C 75 -13.76 -0.01 -25.21
N LYS C 76 -13.28 -0.44 -26.38
CA LYS C 76 -13.10 -1.89 -26.69
C LYS C 76 -11.76 -2.37 -26.16
N ASN C 77 -10.85 -1.45 -25.84
CA ASN C 77 -9.47 -1.82 -25.39
C ASN C 77 -8.73 -2.40 -26.59
N GLN C 78 -8.99 -1.90 -27.80
CA GLN C 78 -8.36 -2.38 -29.02
C GLN C 78 -7.62 -1.24 -29.70
N PHE C 79 -6.60 -1.60 -30.47
CA PHE C 79 -5.88 -0.64 -31.30
C PHE C 79 -5.71 -1.23 -32.69
N PHE C 80 -6.17 -0.51 -33.70
CA PHE C 80 -6.19 -1.01 -35.07
C PHE C 80 -4.88 -0.73 -35.79
N LEU C 81 -4.87 -0.98 -37.09
CA LEU C 81 -3.72 -0.74 -37.95
C LEU C 81 -4.21 -0.63 -39.39
N GLN C 82 -3.69 0.34 -40.13
CA GLN C 82 -4.12 0.56 -41.53
C GLN C 82 -2.88 0.74 -42.39
N LEU C 83 -2.84 0.14 -43.58
CA LEU C 83 -1.73 0.36 -44.56
C LEU C 83 -2.40 0.96 -45.81
N ASN C 84 -1.78 1.95 -46.44
CA ASN C 84 -2.42 2.69 -47.55
C ASN C 84 -2.33 1.91 -48.86
N SER C 85 -1.13 1.75 -49.41
CA SER C 85 -0.90 0.98 -50.66
C SER C 85 -0.35 -0.39 -50.26
N VAL C 86 -0.72 -1.46 -50.98
CA VAL C 86 -0.28 -2.83 -50.58
C VAL C 86 0.27 -3.60 -51.79
N THR C 87 1.60 -3.61 -51.98
CA THR C 87 2.27 -4.34 -53.09
C THR C 87 2.48 -5.80 -52.73
N THR C 88 2.97 -6.64 -53.66
CA THR C 88 3.29 -8.04 -53.43
C THR C 88 4.30 -8.22 -52.31
N GLU C 89 5.11 -7.19 -52.06
CA GLU C 89 6.14 -7.24 -50.99
C GLU C 89 5.47 -7.34 -49.60
N ASP C 90 4.32 -6.70 -49.40
CA ASP C 90 3.63 -6.67 -48.12
C ASP C 90 3.13 -8.04 -47.67
N THR C 91 3.29 -9.10 -48.46
CA THR C 91 2.89 -10.43 -48.05
C THR C 91 3.82 -10.92 -46.94
N ALA C 92 3.30 -11.07 -45.73
CA ALA C 92 4.11 -11.45 -44.58
C ALA C 92 3.16 -11.81 -43.44
N THR C 93 3.72 -12.08 -42.27
CA THR C 93 2.96 -12.38 -41.06
C THR C 93 3.05 -11.18 -40.12
N TYR C 94 1.93 -10.81 -39.52
CA TYR C 94 1.83 -9.61 -38.70
C TYR C 94 1.53 -9.99 -37.25
N TYR C 95 2.30 -9.45 -36.31
CA TYR C 95 2.10 -9.62 -34.89
C TYR C 95 1.80 -8.27 -34.25
N CYS C 96 1.22 -8.31 -33.05
CA CYS C 96 0.98 -7.12 -32.25
C CYS C 96 1.54 -7.38 -30.84
N ALA C 97 2.55 -6.60 -30.47
CA ALA C 97 3.22 -6.76 -29.18
C ALA C 97 2.96 -5.56 -28.29
N ARG C 98 3.36 -5.69 -27.03
CA ARG C 98 3.30 -4.61 -26.06
C ARG C 98 4.71 -4.25 -25.63
N TYR C 99 5.03 -2.96 -25.66
CA TYR C 99 6.37 -2.47 -25.40
C TYR C 99 6.46 -2.07 -23.92
N TYR C 100 7.16 -2.87 -23.14
CA TYR C 100 7.38 -2.55 -21.73
C TYR C 100 8.40 -1.42 -21.61
N ASP C 101 8.21 -0.57 -20.61
CA ASP C 101 9.08 0.61 -20.47
C ASP C 101 10.52 0.17 -20.27
N ALA C 102 10.84 -0.62 -19.25
CA ALA C 102 12.23 -1.04 -18.93
C ALA C 102 12.15 -2.34 -18.12
N PRO C 103 13.02 -3.37 -18.30
CA PRO C 103 14.16 -3.31 -19.22
C PRO C 103 14.00 -3.48 -20.76
N TYR C 104 13.01 -2.87 -21.40
CA TYR C 104 12.96 -2.73 -22.86
C TYR C 104 12.83 -4.09 -23.55
N TYR C 105 11.60 -4.64 -23.44
CA TYR C 105 11.27 -5.91 -24.14
C TYR C 105 9.89 -5.77 -24.71
N PHE C 106 9.50 -6.67 -25.61
CA PHE C 106 8.18 -6.60 -26.27
C PHE C 106 7.35 -7.73 -25.69
N ASP C 107 7.72 -8.20 -24.49
CA ASP C 107 7.01 -9.31 -23.81
C ASP C 107 5.51 -9.22 -24.09
N TYR C 108 4.86 -10.35 -24.38
CA TYR C 108 3.41 -10.40 -24.72
C TYR C 108 3.30 -10.13 -26.21
N TRP C 109 3.52 -11.12 -27.06
CA TRP C 109 3.35 -11.00 -28.52
C TRP C 109 2.05 -11.73 -28.87
N GLY C 110 1.45 -11.47 -30.03
CA GLY C 110 0.24 -12.13 -30.47
C GLY C 110 0.54 -13.50 -31.06
N GLN C 111 -0.52 -14.20 -31.43
CA GLN C 111 -0.35 -15.51 -32.06
C GLN C 111 0.10 -15.36 -33.52
N GLY C 112 -0.10 -14.20 -34.11
CA GLY C 112 0.27 -13.96 -35.48
C GLY C 112 -0.89 -14.17 -36.45
N THR C 113 -0.71 -13.66 -37.66
CA THR C 113 -1.72 -13.79 -38.71
C THR C 113 -1.04 -13.59 -40.05
N THR C 114 -1.16 -14.59 -40.92
CA THR C 114 -0.55 -14.53 -42.23
C THR C 114 -1.34 -13.61 -43.15
N LEU C 115 -0.62 -12.79 -43.92
CA LEU C 115 -1.21 -11.86 -44.87
C LEU C 115 -0.57 -12.08 -46.23
N THR C 116 -1.40 -12.20 -47.26
CA THR C 116 -0.95 -12.44 -48.62
C THR C 116 -1.50 -11.37 -49.54
N VAL C 117 -0.71 -10.99 -50.54
CA VAL C 117 -1.07 -9.96 -51.51
C VAL C 117 -1.12 -10.62 -52.88
N SER C 118 -2.32 -10.65 -53.47
CA SER C 118 -2.48 -11.23 -54.80
C SER C 118 -3.91 -10.95 -55.27
N SER C 119 -4.05 -10.82 -56.59
CA SER C 119 -5.35 -10.55 -57.19
C SER C 119 -6.18 -11.81 -57.41
N ALA C 120 -5.59 -12.99 -57.33
CA ALA C 120 -6.32 -14.22 -57.57
C ALA C 120 -7.35 -14.45 -56.47
N SER C 121 -8.50 -15.02 -56.86
CA SER C 121 -9.57 -15.29 -55.93
C SER C 121 -9.27 -16.53 -55.10
N THR C 122 -9.84 -16.56 -53.90
CA THR C 122 -9.65 -17.68 -52.99
C THR C 122 -10.32 -18.94 -53.54
N LYS C 123 -9.77 -20.10 -53.18
CA LYS C 123 -10.28 -21.38 -53.62
C LYS C 123 -10.20 -22.35 -52.45
N GLY C 124 -11.28 -23.08 -52.19
CA GLY C 124 -11.32 -24.02 -51.11
C GLY C 124 -10.54 -25.30 -51.39
N PRO C 125 -9.93 -25.88 -50.36
CA PRO C 125 -9.16 -27.11 -50.57
C PRO C 125 -10.05 -28.29 -50.92
N SER C 126 -9.46 -29.25 -51.64
CA SER C 126 -10.10 -30.52 -51.95
C SER C 126 -9.24 -31.62 -51.36
N VAL C 127 -9.64 -32.13 -50.19
CA VAL C 127 -8.86 -33.12 -49.47
C VAL C 127 -9.08 -34.48 -50.11
N PHE C 128 -8.05 -35.33 -50.04
CA PHE C 128 -8.13 -36.67 -50.58
C PHE C 128 -7.37 -37.58 -49.62
N PRO C 129 -7.91 -38.73 -49.25
CA PRO C 129 -7.28 -39.56 -48.23
C PRO C 129 -6.16 -40.43 -48.80
N LEU C 130 -5.27 -40.83 -47.91
CA LEU C 130 -4.23 -41.81 -48.21
C LEU C 130 -4.55 -43.07 -47.40
N CYS C 146 -3.66 -37.89 -45.31
CA CYS C 146 -4.63 -37.09 -46.10
C CYS C 146 -3.89 -36.07 -46.97
N LEU C 147 -4.30 -35.87 -48.23
CA LEU C 147 -3.67 -34.95 -49.16
C LEU C 147 -4.63 -33.79 -49.46
N VAL C 148 -4.12 -32.55 -49.44
CA VAL C 148 -4.99 -31.36 -49.66
C VAL C 148 -4.35 -30.53 -50.77
N LYS C 149 -5.12 -30.14 -51.79
CA LYS C 149 -4.56 -29.41 -52.97
C LYS C 149 -5.57 -28.39 -53.50
N ASP C 150 -5.14 -27.48 -54.39
CA ASP C 150 -6.04 -26.51 -55.06
C ASP C 150 -6.41 -25.35 -54.13
N TYR C 151 -6.00 -25.35 -52.86
CA TYR C 151 -6.50 -24.29 -51.94
C TYR C 151 -5.79 -22.93 -52.11
N PHE C 152 -6.51 -21.81 -52.35
CA PHE C 152 -5.90 -20.47 -52.30
C PHE C 152 -6.37 -19.78 -51.04
N PRO C 153 -5.85 -18.59 -50.72
CA PRO C 153 -4.51 -18.50 -50.19
C PRO C 153 -4.65 -18.65 -48.70
N GLU C 154 -4.03 -19.66 -48.11
CA GLU C 154 -4.25 -19.91 -46.66
C GLU C 154 -3.15 -20.73 -46.02
N PRO C 155 -2.99 -20.69 -44.68
CA PRO C 155 -2.07 -21.56 -43.97
C PRO C 155 -2.99 -22.66 -43.47
N VAL C 156 -3.58 -23.42 -44.39
CA VAL C 156 -4.59 -24.47 -44.02
C VAL C 156 -4.15 -25.22 -42.75
N THR C 157 -5.05 -25.36 -41.77
CA THR C 157 -4.79 -26.08 -40.53
C THR C 157 -5.41 -27.47 -40.60
N VAL C 158 -4.68 -28.48 -40.17
CA VAL C 158 -5.13 -29.86 -40.21
C VAL C 158 -5.01 -30.47 -38.82
N SER C 159 -6.05 -31.19 -38.42
CA SER C 159 -6.08 -31.87 -37.14
C SER C 159 -6.60 -33.29 -37.33
N TRP C 160 -6.23 -34.16 -36.40
CA TRP C 160 -6.55 -35.58 -36.47
C TRP C 160 -7.47 -35.95 -35.32
N ASN C 161 -8.52 -36.72 -35.63
CA ASN C 161 -9.42 -37.27 -34.58
C ASN C 161 -9.85 -36.17 -33.60
N SER C 162 -10.10 -34.97 -34.12
CA SER C 162 -10.52 -33.82 -33.26
C SER C 162 -9.36 -33.46 -32.33
N GLY C 163 -8.13 -33.52 -32.85
CA GLY C 163 -6.92 -33.16 -32.06
C GLY C 163 -6.55 -34.24 -31.05
N ALA C 164 -7.35 -35.31 -30.93
CA ALA C 164 -7.08 -36.35 -29.94
C ALA C 164 -5.76 -37.05 -30.21
N LEU C 165 -5.39 -37.23 -31.47
CA LEU C 165 -4.16 -37.92 -31.85
C LEU C 165 -3.10 -36.88 -32.17
N THR C 166 -2.08 -36.77 -31.30
CA THR C 166 -0.99 -35.83 -31.48
C THR C 166 0.36 -36.51 -31.66
N SER C 167 0.42 -37.83 -31.63
CA SER C 167 1.67 -38.56 -31.77
C SER C 167 1.86 -39.01 -33.22
N GLY C 168 3.09 -38.87 -33.71
CA GLY C 168 3.40 -39.23 -35.07
C GLY C 168 2.95 -38.24 -36.12
N VAL C 169 2.50 -37.05 -35.71
CA VAL C 169 2.01 -36.07 -36.66
C VAL C 169 3.16 -35.57 -37.51
N HIS C 170 2.93 -35.48 -38.82
CA HIS C 170 3.93 -34.97 -39.78
C HIS C 170 3.18 -34.14 -40.82
N THR C 171 3.15 -32.83 -40.61
CA THR C 171 2.50 -31.89 -41.51
C THR C 171 3.58 -31.29 -42.41
N PHE C 172 3.47 -31.53 -43.72
CA PHE C 172 4.53 -31.06 -44.61
C PHE C 172 4.28 -29.61 -45.02
N PRO C 173 5.35 -28.83 -45.33
CA PRO C 173 5.14 -27.49 -45.84
C PRO C 173 4.23 -27.47 -47.03
N ALA C 174 3.62 -26.33 -47.33
CA ALA C 174 2.81 -26.20 -48.56
C ALA C 174 3.79 -25.99 -49.72
N VAL C 175 3.48 -26.46 -50.92
CA VAL C 175 4.32 -26.24 -52.13
C VAL C 175 3.42 -25.62 -53.21
N LEU C 176 3.72 -24.42 -53.67
CA LEU C 176 2.77 -23.74 -54.60
C LEU C 176 2.77 -24.48 -55.93
N GLN C 177 1.61 -24.99 -56.34
CA GLN C 177 1.48 -25.64 -57.66
C GLN C 177 1.63 -24.56 -58.73
N SER C 178 2.01 -24.93 -59.95
CA SER C 178 2.14 -23.96 -61.06
C SER C 178 0.77 -23.32 -61.35
N SER C 179 -0.32 -24.01 -60.99
CA SER C 179 -1.70 -23.50 -61.19
C SER C 179 -2.10 -22.55 -60.05
N GLY C 180 -1.18 -22.21 -59.15
CA GLY C 180 -1.50 -21.36 -57.97
C GLY C 180 -2.36 -22.17 -57.04
N LEU C 181 -2.07 -23.46 -56.86
CA LEU C 181 -2.95 -24.36 -56.07
C LEU C 181 -2.17 -24.98 -54.91
N TYR C 182 -1.55 -24.17 -54.06
CA TYR C 182 -0.75 -24.67 -52.91
C TYR C 182 -1.23 -25.93 -52.17
N SER C 183 -0.43 -26.98 -52.17
CA SER C 183 -0.84 -28.33 -51.68
C SER C 183 0.23 -28.92 -50.74
N LEU C 184 -0.19 -29.48 -49.61
CA LEU C 184 0.75 -30.12 -48.66
C LEU C 184 0.26 -31.53 -48.32
N SER C 185 1.13 -32.38 -47.79
CA SER C 185 0.79 -33.74 -47.38
C SER C 185 0.89 -33.84 -45.86
N SER C 186 -0.09 -34.50 -45.25
CA SER C 186 -0.14 -34.67 -43.81
C SER C 186 -0.31 -36.15 -43.51
N VAL C 187 0.55 -36.70 -42.65
CA VAL C 187 0.57 -38.13 -42.38
C VAL C 187 0.73 -38.36 -40.88
N VAL C 188 0.27 -39.53 -40.45
CA VAL C 188 0.40 -39.98 -39.06
C VAL C 188 0.73 -41.47 -39.07
N THR C 189 1.59 -41.89 -38.15
CA THR C 189 1.97 -43.29 -38.01
C THR C 189 1.21 -43.88 -36.82
N ASP D 1 18.50 5.32 -39.02
CA ASP D 1 18.18 3.99 -38.44
C ASP D 1 19.43 3.32 -37.88
N ILE D 2 19.26 2.14 -37.31
CA ILE D 2 20.36 1.39 -36.69
C ILE D 2 20.39 0.00 -37.33
N GLN D 3 21.58 -0.50 -37.59
CA GLN D 3 21.78 -1.78 -38.25
C GLN D 3 22.67 -2.68 -37.39
N MET D 4 22.28 -3.95 -37.29
CA MET D 4 23.08 -4.96 -36.61
C MET D 4 23.29 -6.15 -37.55
N THR D 5 24.49 -6.74 -37.46
CA THR D 5 24.85 -7.90 -38.28
C THR D 5 24.82 -9.14 -37.39
N GLN D 6 24.03 -10.12 -37.78
CA GLN D 6 23.89 -11.37 -37.04
C GLN D 6 24.59 -12.48 -37.82
N SER D 7 25.55 -13.14 -37.17
CA SER D 7 26.29 -14.24 -37.77
C SER D 7 26.65 -15.26 -36.70
N PRO D 8 26.81 -16.54 -37.08
CA PRO D 8 26.62 -17.12 -38.42
C PRO D 8 25.14 -17.28 -38.76
N ALA D 9 24.81 -17.37 -40.05
CA ALA D 9 23.41 -17.54 -40.44
C ALA D 9 22.86 -18.87 -39.96
N SER D 10 23.70 -19.91 -39.97
CA SER D 10 23.29 -21.23 -39.50
C SER D 10 24.48 -21.90 -38.82
N LEU D 11 24.18 -22.84 -37.92
CA LEU D 11 25.20 -23.54 -37.16
C LEU D 11 24.77 -24.98 -36.93
N SER D 12 25.75 -25.85 -36.71
CA SER D 12 25.51 -27.27 -36.47
C SER D 12 26.39 -27.74 -35.32
N ALA D 13 25.81 -28.55 -34.44
CA ALA D 13 26.54 -29.09 -33.30
C ALA D 13 25.81 -30.32 -32.80
N SER D 14 26.48 -31.07 -31.94
CA SER D 14 25.91 -32.30 -31.38
C SER D 14 25.38 -32.03 -29.96
N VAL D 15 24.58 -32.98 -29.47
CA VAL D 15 23.98 -32.83 -28.15
C VAL D 15 25.07 -32.71 -27.11
N GLY D 16 24.83 -31.87 -26.10
CA GLY D 16 25.77 -31.67 -25.02
C GLY D 16 26.91 -30.74 -25.32
N GLU D 17 26.95 -30.15 -26.50
CA GLU D 17 28.03 -29.24 -26.89
C GLU D 17 27.63 -27.79 -26.63
N THR D 18 28.61 -26.91 -26.69
CA THR D 18 28.42 -25.48 -26.44
C THR D 18 28.58 -24.72 -27.75
N VAL D 19 27.69 -23.75 -27.97
CA VAL D 19 27.72 -22.91 -29.16
C VAL D 19 27.53 -21.46 -28.74
N THR D 20 27.95 -20.54 -29.61
CA THR D 20 27.84 -19.11 -29.36
C THR D 20 27.31 -18.41 -30.60
N ILE D 21 26.38 -17.47 -30.39
CA ILE D 21 25.82 -16.64 -31.45
C ILE D 21 26.27 -15.21 -31.20
N THR D 22 26.66 -14.52 -32.26
CA THR D 22 27.18 -13.16 -32.18
C THR D 22 26.29 -12.20 -32.95
N CYS D 23 26.09 -11.01 -32.39
CA CYS D 23 25.32 -9.95 -33.02
C CYS D 23 26.02 -8.62 -32.76
N GLY D 24 26.53 -8.00 -33.81
CA GLY D 24 27.20 -6.71 -33.71
C GLY D 24 26.24 -5.58 -34.04
N ALA D 25 26.51 -4.40 -33.48
CA ALA D 25 25.67 -3.23 -33.65
C ALA D 25 26.46 -2.10 -34.31
N SER D 26 25.76 -1.28 -35.11
CA SER D 26 26.41 -0.19 -35.87
C SER D 26 26.93 0.90 -34.92
N GLU D 27 26.25 1.11 -33.81
CA GLU D 27 26.68 2.14 -32.82
C GLU D 27 26.33 1.65 -31.40
N ASN D 28 26.94 2.25 -30.39
CA ASN D 28 26.75 1.84 -29.00
C ASN D 28 25.29 1.95 -28.62
N ILE D 29 24.81 0.98 -27.83
CA ILE D 29 23.43 0.94 -27.37
C ILE D 29 23.32 0.76 -25.86
N TYR D 30 24.45 0.64 -25.16
CA TYR D 30 24.46 0.62 -23.69
C TYR D 30 23.71 -0.59 -23.12
N GLY D 31 23.58 -1.65 -23.91
CA GLY D 31 23.02 -2.89 -23.42
C GLY D 31 21.53 -3.05 -23.58
N ALA D 32 20.86 -2.12 -24.27
CA ALA D 32 19.42 -2.23 -24.52
C ALA D 32 19.20 -3.12 -25.75
N LEU D 33 19.55 -4.40 -25.58
CA LEU D 33 19.48 -5.40 -26.64
C LEU D 33 18.77 -6.63 -26.11
N ASN D 34 17.81 -7.14 -26.87
CA ASN D 34 17.06 -8.33 -26.50
C ASN D 34 17.48 -9.51 -27.37
N TRP D 35 17.06 -10.70 -26.93
CA TRP D 35 17.17 -11.93 -27.70
C TRP D 35 15.82 -12.64 -27.69
N TYR D 36 15.49 -13.28 -28.81
CA TYR D 36 14.21 -13.97 -28.94
C TYR D 36 14.41 -15.29 -29.66
N GLN D 37 13.52 -16.23 -29.37
CA GLN D 37 13.51 -17.54 -30.02
C GLN D 37 12.14 -17.76 -30.64
N ARG D 38 12.12 -18.20 -31.90
CA ARG D 38 10.89 -18.42 -32.65
C ARG D 38 10.85 -19.87 -33.10
N LYS D 39 10.13 -20.71 -32.35
CA LYS D 39 9.96 -22.11 -32.76
C LYS D 39 9.09 -22.10 -34.02
N GLN D 40 9.06 -23.20 -34.74
CA GLN D 40 8.36 -23.29 -36.02
C GLN D 40 6.86 -23.08 -35.83
N GLY D 41 6.28 -22.20 -36.65
CA GLY D 41 4.85 -21.99 -36.66
C GLY D 41 4.30 -21.19 -35.49
N LYS D 42 5.19 -20.76 -34.58
CA LYS D 42 4.81 -20.01 -33.36
C LYS D 42 5.39 -18.59 -33.43
N SER D 43 4.84 -17.66 -32.66
CA SER D 43 5.36 -16.27 -32.60
C SER D 43 6.59 -16.24 -31.69
N PRO D 44 7.59 -15.34 -31.89
CA PRO D 44 8.79 -15.38 -31.07
C PRO D 44 8.48 -15.22 -29.60
N GLN D 45 9.47 -15.47 -28.73
CA GLN D 45 9.28 -15.40 -27.26
C GLN D 45 10.53 -14.82 -26.58
N LEU D 46 10.36 -13.91 -25.63
CA LEU D 46 11.53 -13.24 -25.01
C LEU D 46 12.40 -14.30 -24.32
N LEU D 47 13.70 -14.27 -24.57
CA LEU D 47 14.68 -15.19 -23.93
C LEU D 47 15.58 -14.36 -23.01
N ILE D 48 16.16 -13.26 -23.49
CA ILE D 48 17.05 -12.41 -22.71
C ILE D 48 16.66 -10.96 -22.95
N TYR D 49 16.60 -10.17 -21.89
CA TYR D 49 16.42 -8.73 -22.00
C TYR D 49 17.57 -8.04 -21.30
N GLY D 50 18.06 -6.96 -21.91
CA GLY D 50 19.23 -6.29 -21.40
C GLY D 50 20.54 -6.96 -21.73
N ALA D 51 20.51 -8.04 -22.53
CA ALA D 51 21.72 -8.72 -22.99
C ALA D 51 22.37 -9.54 -21.89
N THR D 52 21.89 -9.42 -20.65
CA THR D 52 22.45 -10.20 -19.54
C THR D 52 21.40 -10.86 -18.66
N ASN D 53 20.15 -10.40 -18.65
CA ASN D 53 19.14 -10.91 -17.74
C ASN D 53 18.32 -12.00 -18.41
N LEU D 54 18.15 -13.12 -17.72
CA LEU D 54 17.36 -14.23 -18.23
C LEU D 54 15.88 -13.90 -18.05
N ALA D 55 15.02 -14.65 -18.73
CA ALA D 55 13.58 -14.46 -18.69
C ALA D 55 12.95 -15.50 -17.77
N ASP D 56 11.62 -15.46 -17.67
CA ASP D 56 10.86 -16.35 -16.81
C ASP D 56 10.42 -17.59 -17.57
N GLY D 57 10.33 -18.70 -16.84
CA GLY D 57 9.90 -19.94 -17.44
C GLY D 57 10.79 -20.39 -18.59
N MET D 58 12.10 -20.17 -18.46
CA MET D 58 13.08 -20.52 -19.51
C MET D 58 14.22 -21.33 -18.87
N SER D 59 14.90 -22.18 -19.63
CA SER D 59 16.00 -22.97 -19.13
C SER D 59 17.12 -22.07 -18.62
N SER D 60 17.91 -22.60 -17.70
CA SER D 60 19.07 -21.89 -17.17
C SER D 60 20.30 -22.01 -18.06
N ARG D 61 20.20 -22.77 -19.16
CA ARG D 61 21.36 -22.94 -20.04
C ARG D 61 21.61 -21.69 -20.87
N PHE D 62 20.56 -20.93 -21.18
CA PHE D 62 20.75 -19.69 -21.94
C PHE D 62 21.44 -18.64 -21.07
N SER D 63 22.50 -18.04 -21.61
CA SER D 63 23.24 -17.00 -20.91
C SER D 63 23.52 -15.86 -21.87
N GLY D 64 23.47 -14.64 -21.33
CA GLY D 64 23.68 -13.43 -22.12
C GLY D 64 24.95 -12.72 -21.68
N SER D 65 25.62 -12.08 -22.64
CA SER D 65 26.85 -11.36 -22.36
C SER D 65 27.08 -10.34 -23.47
N GLY D 66 27.99 -9.41 -23.20
CA GLY D 66 28.36 -8.40 -24.18
C GLY D 66 27.95 -7.00 -23.77
N SER D 67 28.77 -6.02 -24.12
CA SER D 67 28.49 -4.62 -23.81
C SER D 67 29.05 -3.76 -24.93
N GLY D 68 28.49 -2.56 -25.06
CA GLY D 68 28.95 -1.63 -26.07
C GLY D 68 28.42 -1.94 -27.45
N ARG D 69 29.29 -2.36 -28.37
CA ARG D 69 28.88 -2.58 -29.77
C ARG D 69 28.58 -4.05 -30.02
N GLN D 70 29.45 -4.96 -29.59
CA GLN D 70 29.33 -6.37 -29.92
C GLN D 70 28.70 -7.14 -28.77
N TYR D 71 27.72 -7.98 -29.10
CA TYR D 71 27.02 -8.80 -28.12
C TYR D 71 26.92 -10.22 -28.65
N SER D 72 26.80 -11.18 -27.74
CA SER D 72 26.78 -12.59 -28.10
C SER D 72 25.80 -13.34 -27.20
N LEU D 73 25.30 -14.47 -27.70
CA LEU D 73 24.46 -15.39 -26.93
C LEU D 73 25.12 -16.77 -26.94
N LYS D 74 25.07 -17.44 -25.79
CA LYS D 74 25.71 -18.73 -25.62
C LYS D 74 24.69 -19.79 -25.22
N ILE D 75 24.85 -20.99 -25.76
CA ILE D 75 24.01 -22.14 -25.44
C ILE D 75 24.90 -23.27 -24.97
N SER D 76 24.64 -23.75 -23.77
CA SER D 76 25.38 -24.86 -23.18
C SER D 76 24.45 -26.05 -22.98
N SER D 77 25.00 -27.25 -23.06
CA SER D 77 24.23 -28.49 -22.93
C SER D 77 23.07 -28.50 -23.91
N LEU D 78 23.42 -28.50 -25.18
CA LEU D 78 22.43 -28.42 -26.24
C LEU D 78 21.43 -29.56 -26.08
N HIS D 79 20.13 -29.23 -26.19
CA HIS D 79 19.07 -30.20 -26.02
C HIS D 79 18.28 -30.31 -27.31
N PRO D 80 17.61 -31.45 -27.55
CA PRO D 80 16.84 -31.60 -28.80
C PRO D 80 15.77 -30.54 -28.97
N ASP D 81 15.27 -29.99 -27.86
CA ASP D 81 14.21 -28.99 -27.96
C ASP D 81 14.73 -27.67 -28.52
N ASP D 82 16.05 -27.51 -28.63
CA ASP D 82 16.63 -26.27 -29.11
C ASP D 82 16.79 -26.30 -30.63
N VAL D 83 15.67 -26.25 -31.36
CA VAL D 83 15.69 -26.15 -32.81
C VAL D 83 14.74 -25.05 -33.23
N ALA D 84 15.27 -23.85 -33.44
CA ALA D 84 14.46 -22.69 -33.80
C ALA D 84 15.39 -21.59 -34.29
N THR D 85 14.82 -20.40 -34.50
CA THR D 85 15.56 -19.24 -34.96
C THR D 85 15.79 -18.29 -33.80
N TYR D 86 17.02 -17.78 -33.69
CA TYR D 86 17.40 -16.85 -32.63
C TYR D 86 17.70 -15.49 -33.25
N TYR D 87 17.05 -14.45 -32.74
CA TYR D 87 17.18 -13.10 -33.27
C TYR D 87 17.75 -12.15 -32.21
N CYS D 88 18.40 -11.10 -32.70
CA CYS D 88 18.85 -9.99 -31.88
C CYS D 88 18.17 -8.71 -32.35
N GLN D 89 17.64 -7.95 -31.40
CA GLN D 89 16.88 -6.75 -31.69
C GLN D 89 17.39 -5.58 -30.85
N ASN D 90 17.32 -4.38 -31.41
CA ASN D 90 17.72 -3.17 -30.71
C ASN D 90 16.48 -2.43 -30.25
N VAL D 91 16.43 -2.11 -28.96
CA VAL D 91 15.30 -1.41 -28.34
C VAL D 91 15.74 -0.07 -27.76
N LEU D 92 16.95 0.38 -28.09
CA LEU D 92 17.44 1.63 -27.53
C LEU D 92 16.60 2.82 -27.99
N SER D 93 16.25 2.87 -29.28
CA SER D 93 15.48 3.97 -29.82
C SER D 93 14.90 3.55 -31.17
N THR D 94 13.82 4.22 -31.55
CA THR D 94 13.17 3.90 -32.81
C THR D 94 14.04 4.32 -34.00
N PRO D 95 13.93 3.64 -35.14
CA PRO D 95 13.10 2.45 -35.39
C PRO D 95 13.77 1.18 -34.88
N PHE D 96 12.99 0.22 -34.39
CA PHE D 96 13.53 -1.00 -33.82
C PHE D 96 13.83 -2.00 -34.93
N THR D 97 15.10 -2.18 -35.25
CA THR D 97 15.53 -3.07 -36.31
C THR D 97 16.00 -4.39 -35.71
N PHE D 98 15.82 -5.47 -36.48
CA PHE D 98 16.18 -6.81 -36.06
C PHE D 98 17.51 -7.21 -36.71
N GLY D 99 18.00 -8.38 -36.30
CA GLY D 99 19.15 -8.98 -36.95
C GLY D 99 18.74 -9.80 -38.15
N SER D 100 19.75 -10.36 -38.82
CA SER D 100 19.47 -11.19 -39.99
C SER D 100 18.79 -12.50 -39.59
N GLY D 101 19.07 -13.00 -38.39
CA GLY D 101 18.53 -14.26 -37.94
C GLY D 101 19.54 -15.40 -38.04
N THR D 102 19.38 -16.39 -37.16
CA THR D 102 20.29 -17.53 -37.12
C THR D 102 19.47 -18.79 -36.89
N LYS D 103 19.80 -19.84 -37.64
CA LYS D 103 19.11 -21.12 -37.54
C LYS D 103 20.05 -22.15 -36.92
N LEU D 104 19.60 -22.79 -35.84
CA LEU D 104 20.41 -23.81 -35.13
C LEU D 104 20.07 -25.18 -35.71
N GLU D 105 21.04 -26.09 -35.74
CA GLU D 105 20.83 -27.47 -36.24
C GLU D 105 21.53 -28.44 -35.29
N ILE D 106 20.88 -29.53 -34.89
CA ILE D 106 21.47 -30.56 -34.04
C ILE D 106 21.99 -31.68 -34.93
N LYS D 107 23.30 -31.91 -34.87
CA LYS D 107 23.94 -32.99 -35.61
C LYS D 107 23.86 -34.29 -34.82
N ARG D 108 23.68 -35.40 -35.53
CA ARG D 108 23.60 -36.71 -34.90
C ARG D 108 24.09 -37.75 -35.90
N ALA D 111 20.75 -42.93 -39.29
CA ALA D 111 20.32 -42.40 -40.61
C ALA D 111 18.98 -43.02 -41.00
N ALA D 112 18.89 -44.35 -41.12
CA ALA D 112 17.64 -45.10 -41.43
C ALA D 112 16.46 -44.26 -41.94
N PRO D 113 16.21 -44.19 -43.27
CA PRO D 113 15.01 -43.53 -43.78
C PRO D 113 13.78 -44.43 -43.79
N PHE D 118 2.09 -44.68 -51.85
CA PHE D 118 0.63 -44.81 -51.90
C PHE D 118 0.17 -44.64 -53.35
N PRO D 119 -0.93 -45.29 -53.73
CA PRO D 119 -1.47 -45.10 -55.07
C PRO D 119 -2.45 -43.95 -55.10
N PRO D 120 -2.74 -43.38 -56.27
CA PRO D 120 -3.76 -42.33 -56.35
C PRO D 120 -5.13 -42.86 -55.98
N SER D 121 -5.91 -42.00 -55.32
CA SER D 121 -7.25 -42.37 -54.89
C SER D 121 -8.21 -42.39 -56.08
N GLN D 124 -10.02 -39.07 -56.88
CA GLN D 124 -9.10 -38.17 -57.56
C GLN D 124 -8.90 -38.59 -59.01
N LEU D 125 -8.85 -39.89 -59.29
CA LEU D 125 -8.76 -40.34 -60.67
C LEU D 125 -10.00 -39.93 -61.45
N LYS D 126 -11.18 -40.04 -60.84
CA LYS D 126 -12.39 -39.57 -61.48
C LYS D 126 -12.32 -38.08 -61.79
N SER D 127 -11.70 -37.30 -60.90
CA SER D 127 -11.55 -35.87 -61.15
C SER D 127 -10.73 -35.59 -62.39
N GLY D 128 -9.93 -36.55 -62.86
CA GLY D 128 -9.13 -36.40 -64.05
C GLY D 128 -7.64 -36.29 -63.82
N THR D 129 -7.16 -36.49 -62.59
CA THR D 129 -5.74 -36.41 -62.29
C THR D 129 -5.35 -37.57 -61.38
N ALA D 130 -4.06 -37.91 -61.43
CA ALA D 130 -3.50 -38.96 -60.59
C ALA D 130 -2.29 -38.42 -59.85
N SER D 131 -2.27 -38.61 -58.54
CA SER D 131 -1.16 -38.17 -57.69
C SER D 131 -0.56 -39.40 -57.01
N VAL D 132 0.76 -39.52 -57.09
CA VAL D 132 1.50 -40.62 -56.47
C VAL D 132 2.52 -40.01 -55.51
N VAL D 133 2.55 -40.53 -54.28
CA VAL D 133 3.44 -40.02 -53.24
C VAL D 133 4.30 -41.17 -52.74
N CYS D 134 5.56 -40.87 -52.47
CA CYS D 134 6.53 -41.84 -51.96
C CYS D 134 7.15 -41.28 -50.68
N LEU D 135 6.60 -41.67 -49.53
CA LEU D 135 6.95 -41.07 -48.26
C LEU D 135 8.31 -41.55 -47.78
N LEU D 136 9.02 -40.63 -47.11
CA LEU D 136 10.27 -40.95 -46.41
C LEU D 136 10.12 -40.49 -44.97
N ASN D 137 10.31 -41.41 -44.02
CA ASN D 137 10.18 -41.08 -42.59
C ASN D 137 11.51 -41.36 -41.87
N ASN D 138 11.95 -40.44 -41.02
CA ASN D 138 13.18 -40.62 -40.19
C ASN D 138 14.44 -40.47 -41.04
N PHE D 139 14.31 -40.18 -42.33
CA PHE D 139 15.50 -40.12 -43.22
C PHE D 139 16.47 -39.13 -42.61
N TYR D 140 17.78 -39.39 -42.73
CA TYR D 140 18.82 -38.50 -42.14
C TYR D 140 20.18 -38.84 -42.75
N PRO D 141 20.83 -37.92 -43.49
CA PRO D 141 20.78 -36.50 -43.21
C PRO D 141 19.69 -35.88 -44.06
N ARG D 142 19.52 -34.57 -43.98
CA ARG D 142 18.50 -33.84 -44.80
C ARG D 142 18.73 -34.11 -46.30
N GLU D 143 19.94 -34.51 -46.70
CA GLU D 143 20.25 -34.79 -48.13
C GLU D 143 19.47 -36.03 -48.58
N ALA D 144 19.15 -36.14 -49.87
CA ALA D 144 18.41 -37.30 -50.42
C ALA D 144 18.42 -37.29 -51.96
N LYS D 145 18.05 -38.40 -52.59
CA LYS D 145 17.97 -38.50 -54.07
C LYS D 145 16.75 -39.38 -54.40
N VAL D 146 15.61 -38.79 -54.78
CA VAL D 146 14.38 -39.50 -55.05
C VAL D 146 14.24 -39.63 -56.57
N GLN D 147 14.11 -40.87 -57.04
CA GLN D 147 13.94 -41.16 -58.46
C GLN D 147 12.64 -41.92 -58.67
N TRP D 148 11.81 -41.42 -59.58
CA TRP D 148 10.54 -42.06 -59.91
C TRP D 148 10.68 -42.81 -61.22
N LYS D 149 10.43 -44.12 -61.17
CA LYS D 149 10.57 -45.00 -62.34
C LYS D 149 9.19 -45.50 -62.72
N VAL D 150 8.63 -44.94 -63.80
CA VAL D 150 7.35 -45.38 -64.34
C VAL D 150 7.65 -46.44 -65.38
N ASP D 151 7.25 -47.69 -65.09
CA ASP D 151 7.58 -48.82 -65.95
C ASP D 151 9.08 -48.89 -66.19
N ASN D 152 9.85 -48.65 -65.14
CA ASN D 152 11.31 -48.63 -65.21
C ASN D 152 11.82 -47.52 -66.10
N ALA D 153 11.10 -46.39 -66.14
CA ALA D 153 11.51 -45.21 -66.87
C ALA D 153 11.58 -44.03 -65.92
N LEU D 154 12.76 -43.45 -65.80
CA LEU D 154 12.96 -42.33 -64.88
C LEU D 154 12.19 -41.10 -65.37
N GLN D 155 11.67 -40.33 -64.41
CA GLN D 155 10.92 -39.12 -64.69
C GLN D 155 11.60 -37.94 -64.01
N SER D 156 11.64 -36.81 -64.70
CA SER D 156 12.26 -35.59 -64.19
C SER D 156 11.37 -34.40 -64.46
N GLY D 157 11.45 -33.40 -63.58
CA GLY D 157 10.67 -32.19 -63.75
C GLY D 157 9.19 -32.34 -63.49
N ASN D 158 8.79 -33.33 -62.70
CA ASN D 158 7.39 -33.55 -62.38
C ASN D 158 7.12 -33.80 -60.90
N SER D 159 8.15 -34.06 -60.09
CA SER D 159 7.97 -34.39 -58.69
C SER D 159 8.45 -33.21 -57.83
N GLN D 160 7.61 -32.78 -56.90
CA GLN D 160 7.94 -31.73 -55.95
C GLN D 160 8.30 -32.34 -54.60
N GLU D 161 9.29 -31.77 -53.90
CA GLU D 161 9.76 -32.37 -52.63
C GLU D 161 9.48 -31.41 -51.46
N SER D 162 8.59 -31.82 -50.54
CA SER D 162 8.23 -31.00 -49.36
C SER D 162 8.91 -31.59 -48.12
N VAL D 163 9.72 -30.82 -47.38
CA VAL D 163 10.50 -31.35 -46.27
C VAL D 163 10.14 -30.58 -45.01
N THR D 164 9.81 -31.30 -43.96
CA THR D 164 9.56 -30.68 -42.66
C THR D 164 10.87 -30.37 -41.96
N GLU D 165 10.77 -29.57 -40.90
CA GLU D 165 11.94 -29.20 -40.14
C GLU D 165 12.33 -30.33 -39.18
N GLN D 166 13.53 -30.20 -38.61
CA GLN D 166 14.03 -31.20 -37.69
C GLN D 166 13.09 -31.34 -36.50
N ASP D 167 12.91 -32.58 -36.03
CA ASP D 167 11.97 -32.84 -34.94
C ASP D 167 12.62 -32.52 -33.60
N SER D 168 11.79 -32.02 -32.68
CA SER D 168 12.25 -31.55 -31.39
C SER D 168 12.57 -32.67 -30.40
N LYS D 169 11.94 -33.83 -30.62
CA LYS D 169 12.06 -34.97 -29.67
C LYS D 169 13.24 -35.85 -30.08
N ASP D 170 13.29 -36.19 -31.37
CA ASP D 170 14.27 -37.17 -31.90
C ASP D 170 15.34 -36.51 -32.75
N SER D 171 15.03 -35.49 -33.58
CA SER D 171 16.01 -34.96 -34.57
C SER D 171 15.81 -35.65 -35.91
N THR D 172 14.56 -36.00 -36.24
CA THR D 172 14.22 -36.73 -37.47
C THR D 172 13.76 -35.80 -38.57
N TYR D 173 13.92 -36.20 -39.84
CA TYR D 173 13.46 -35.48 -41.02
C TYR D 173 12.45 -36.35 -41.77
N SER D 174 11.33 -35.72 -42.16
CA SER D 174 10.32 -36.37 -42.97
C SER D 174 10.25 -35.71 -44.33
N LEU D 175 9.95 -36.51 -45.35
CA LEU D 175 9.91 -36.01 -46.72
C LEU D 175 8.76 -36.67 -47.44
N SER D 176 8.20 -35.95 -48.42
CA SER D 176 7.11 -36.48 -49.24
C SER D 176 7.30 -35.96 -50.66
N SER D 177 7.72 -36.84 -51.56
CA SER D 177 7.81 -36.52 -52.97
C SER D 177 6.48 -36.84 -53.64
N THR D 178 5.90 -35.86 -54.33
CA THR D 178 4.59 -36.00 -54.96
C THR D 178 4.74 -35.93 -56.47
N LEU D 179 4.19 -36.94 -57.15
CA LEU D 179 4.19 -37.00 -58.61
C LEU D 179 2.75 -36.94 -59.09
N THR D 180 2.44 -35.92 -59.88
CA THR D 180 1.08 -35.68 -60.37
C THR D 180 1.06 -35.85 -61.89
N LEU D 181 0.18 -36.72 -62.37
CA LEU D 181 -0.01 -36.97 -63.79
C LEU D 181 -1.50 -36.91 -64.11
N SER D 182 -1.80 -36.76 -65.39
CA SER D 182 -3.19 -36.82 -65.83
C SER D 182 -3.71 -38.24 -65.72
N LYS D 183 -5.05 -38.37 -65.71
CA LYS D 183 -5.69 -39.69 -65.51
C LYS D 183 -5.37 -40.61 -66.71
N ALA D 184 -5.23 -40.13 -67.94
CA ALA D 184 -4.87 -40.98 -69.07
C ALA D 184 -3.44 -41.49 -68.95
N ASP D 185 -2.50 -40.61 -68.58
CA ASP D 185 -1.11 -41.04 -68.45
C ASP D 185 -0.96 -42.07 -67.34
N TYR D 186 -1.64 -41.83 -66.21
CA TYR D 186 -1.60 -42.77 -65.07
C TYR D 186 -2.10 -44.12 -65.54
N GLU D 187 -3.26 -44.16 -66.20
CA GLU D 187 -3.85 -45.41 -66.66
C GLU D 187 -3.01 -46.09 -67.73
N LYS D 188 -2.20 -45.33 -68.47
CA LYS D 188 -1.41 -45.93 -69.54
C LYS D 188 -0.40 -46.93 -68.98
N HIS D 189 0.26 -46.58 -67.88
CA HIS D 189 1.30 -47.42 -67.30
C HIS D 189 0.73 -48.31 -66.20
N LYS D 190 1.53 -49.28 -65.79
CA LYS D 190 1.14 -50.26 -64.77
C LYS D 190 2.10 -50.30 -63.59
N VAL D 191 3.40 -50.19 -63.83
CA VAL D 191 4.41 -50.29 -62.78
C VAL D 191 4.83 -48.89 -62.37
N TYR D 192 4.87 -48.64 -61.06
CA TYR D 192 5.20 -47.29 -60.52
C TYR D 192 6.15 -47.46 -59.35
N ALA D 193 7.46 -47.40 -59.62
CA ALA D 193 8.50 -47.57 -58.58
C ALA D 193 8.99 -46.21 -58.07
N CYS D 194 9.66 -46.19 -56.92
CA CYS D 194 10.26 -44.99 -56.33
C CYS D 194 11.60 -45.36 -55.74
N GLU D 195 12.67 -44.68 -56.17
CA GLU D 195 13.99 -44.90 -55.61
C GLU D 195 14.26 -43.86 -54.53
N VAL D 196 14.97 -44.26 -53.48
CA VAL D 196 15.24 -43.38 -52.31
C VAL D 196 16.77 -43.34 -52.12
N THR D 197 17.53 -43.48 -53.20
CA THR D 197 18.98 -43.50 -53.09
C THR D 197 19.49 -42.24 -52.38
N HIS D 198 20.32 -42.43 -51.35
CA HIS D 198 20.91 -41.31 -50.58
C HIS D 198 22.02 -41.81 -49.65
N GLN D 199 22.65 -40.91 -48.90
CA GLN D 199 23.74 -41.25 -47.98
C GLN D 199 23.50 -42.61 -47.31
N GLY D 200 22.43 -42.75 -46.51
CA GLY D 200 22.19 -43.96 -45.73
C GLY D 200 21.96 -45.18 -46.61
N LEU D 201 21.11 -45.03 -47.63
CA LEU D 201 20.81 -46.13 -48.54
C LEU D 201 21.71 -46.07 -49.77
N SER D 202 22.88 -46.71 -49.65
CA SER D 202 23.76 -46.84 -50.80
C SER D 202 23.08 -47.62 -51.92
N SER D 203 22.38 -48.70 -51.58
CA SER D 203 21.60 -49.43 -52.57
C SER D 203 20.38 -48.60 -52.97
N PRO D 204 19.92 -48.74 -54.22
CA PRO D 204 18.68 -48.02 -54.60
C PRO D 204 17.43 -48.73 -54.09
N VAL D 205 17.18 -48.59 -52.78
CA VAL D 205 15.96 -49.15 -52.20
C VAL D 205 14.77 -48.64 -52.98
N THR D 206 13.83 -49.54 -53.27
CA THR D 206 12.72 -49.21 -54.17
C THR D 206 11.48 -49.97 -53.72
N LYS D 207 10.41 -49.23 -53.44
CA LYS D 207 9.09 -49.80 -53.23
C LYS D 207 8.22 -49.44 -54.44
N SER D 208 7.59 -50.45 -55.03
CA SER D 208 6.78 -50.26 -56.23
C SER D 208 5.44 -50.97 -56.07
N THR E 16 -0.10 35.88 15.61
CA THR E 16 0.58 34.70 16.15
C THR E 16 1.84 34.40 15.35
N ILE E 17 1.67 34.10 14.06
CA ILE E 17 2.78 33.80 13.18
C ILE E 17 2.87 34.88 12.11
N LYS E 18 4.07 35.05 11.57
CA LYS E 18 4.36 36.03 10.54
C LYS E 18 5.20 35.36 9.47
N PRO E 19 5.16 35.87 8.23
CA PRO E 19 6.07 35.36 7.21
C PRO E 19 7.52 35.49 7.66
N VAL E 20 8.31 34.46 7.34
CA VAL E 20 9.66 34.37 7.87
C VAL E 20 10.47 35.59 7.48
N GLU E 21 11.13 36.19 8.45
CA GLU E 21 12.16 37.20 8.23
C GLU E 21 13.50 36.52 8.54
N TYR E 22 14.39 36.50 7.56
CA TYR E 22 15.60 35.70 7.69
C TYR E 22 16.48 36.24 8.80
N TYR E 23 17.18 35.32 9.49
CA TYR E 23 18.21 35.73 10.43
C TYR E 23 19.28 36.51 9.71
N LYS E 24 19.77 37.56 10.35
CA LYS E 24 20.89 38.34 9.83
C LYS E 24 21.99 38.36 10.88
N PRO E 25 23.25 38.45 10.47
CA PRO E 25 24.33 38.54 11.46
C PRO E 25 24.32 39.88 12.16
N ASP E 26 23.83 39.89 13.40
CA ASP E 26 23.79 41.06 14.25
C ASP E 26 24.80 40.91 15.38
N GLY E 27 25.93 40.29 15.07
CA GLY E 27 26.91 39.96 16.07
C GLY E 27 27.82 38.87 15.54
N CYS E 28 28.89 38.61 16.28
CA CYS E 28 29.93 37.68 15.84
C CYS E 28 30.43 38.07 14.45
N ASN E 29 30.77 39.36 14.29
CA ASN E 29 31.26 39.89 13.00
C ASN E 29 32.58 40.60 13.28
N LYS E 30 33.40 40.05 14.17
CA LYS E 30 34.70 40.65 14.57
C LYS E 30 35.86 39.82 14.01
N THR E 31 35.99 38.57 14.48
CA THR E 31 37.03 37.61 14.02
C THR E 31 36.42 36.22 14.03
N ASN E 32 35.99 35.72 15.20
CA ASN E 32 35.27 34.41 15.30
C ASN E 32 33.87 34.63 14.74
N ASP E 33 33.70 34.55 13.42
CA ASP E 33 32.42 34.94 12.78
C ASP E 33 31.79 33.79 12.00
N HIS E 34 31.58 32.64 12.63
CA HIS E 34 30.88 31.51 11.98
C HIS E 34 29.40 31.62 12.32
N PHE E 35 28.65 32.55 11.73
CA PHE E 35 27.22 32.64 11.94
C PHE E 35 26.50 31.51 11.21
N THR E 36 26.43 30.34 11.86
CA THR E 36 25.75 29.18 11.30
C THR E 36 24.61 28.77 12.23
N MET E 37 23.42 28.58 11.63
CA MET E 37 22.24 28.14 12.40
C MET E 37 22.24 26.60 12.45
N GLN E 38 21.48 25.98 13.36
CA GLN E 38 21.41 24.51 13.54
C GLN E 38 19.98 24.14 13.94
N PRO E 39 19.51 22.90 13.74
CA PRO E 39 18.17 22.55 14.17
C PRO E 39 18.15 22.40 15.66
N GLY E 40 16.96 22.28 16.28
CA GLY E 40 16.82 22.18 17.74
C GLY E 40 17.21 20.80 18.24
N VAL E 41 16.53 20.27 19.26
CA VAL E 41 16.82 18.93 19.77
C VAL E 41 15.54 18.15 19.98
N ASN E 42 14.39 18.79 19.74
CA ASN E 42 13.10 18.17 19.91
C ASN E 42 12.33 18.18 18.60
N PHE E 43 11.54 17.13 18.38
CA PHE E 43 10.77 16.94 17.15
C PHE E 43 9.33 16.69 17.58
N TYR E 44 8.57 17.76 17.76
CA TYR E 44 7.22 17.67 18.29
C TYR E 44 6.25 17.18 17.21
N THR E 45 5.00 17.03 17.61
CA THR E 45 3.93 16.56 16.72
C THR E 45 2.90 17.66 16.53
N VAL E 46 2.16 17.56 15.43
CA VAL E 46 1.09 18.51 15.13
C VAL E 46 -0.18 17.71 14.84
N PRO E 47 -0.86 17.20 15.87
CA PRO E 47 -2.00 16.32 15.64
C PRO E 47 -3.13 17.03 14.90
N ASN E 48 -3.88 16.23 14.14
CA ASN E 48 -5.09 16.69 13.47
C ASN E 48 -4.80 17.76 12.41
N LEU E 49 -3.64 17.69 11.78
CA LEU E 49 -3.38 18.57 10.64
C LEU E 49 -4.42 18.34 9.54
N GLY E 50 -4.84 17.10 9.36
CA GLY E 50 -5.90 16.78 8.45
C GLY E 50 -6.62 15.50 8.88
N PRO E 51 -7.91 15.42 8.61
CA PRO E 51 -8.65 14.23 9.05
C PRO E 51 -8.08 12.96 8.44
N SER E 52 -8.06 11.89 9.24
CA SER E 52 -7.53 10.60 8.83
C SER E 52 -8.55 9.52 9.15
N SER E 53 -8.16 8.28 8.89
CA SER E 53 -9.01 7.13 9.17
C SER E 53 -8.19 5.96 9.66
N SER E 54 -8.81 4.78 9.75
CA SER E 54 -8.12 3.59 10.21
C SER E 54 -8.45 2.37 9.36
N SER E 55 -9.09 2.55 8.21
CA SER E 55 -9.44 1.44 7.36
C SER E 55 -8.19 0.82 6.75
N ALA E 56 -8.32 -0.42 6.29
CA ALA E 56 -7.17 -1.15 5.77
C ALA E 56 -6.93 -0.87 4.29
N ASP E 57 -8.00 -0.75 3.51
CA ASP E 57 -7.89 -0.56 2.06
C ASP E 57 -7.91 0.93 1.75
N GLU E 58 -6.91 1.64 2.30
CA GLU E 58 -6.74 3.06 2.02
C GLU E 58 -5.26 3.39 2.05
N CYS E 59 -4.87 4.34 1.21
CA CYS E 59 -3.50 4.86 1.18
C CYS E 59 -3.57 6.37 0.98
N TYR E 60 -3.10 7.13 1.97
CA TYR E 60 -2.95 8.57 1.84
C TYR E 60 -1.58 8.81 1.23
N THR E 61 -1.55 9.31 0.01
CA THR E 61 -0.37 9.21 -0.84
C THR E 61 0.25 10.54 -1.23
N ASN E 62 -0.55 11.52 -1.67
CA ASN E 62 -0.04 12.75 -2.27
C ASN E 62 -0.42 13.95 -1.41
N PRO E 63 0.47 14.42 -0.54
CA PRO E 63 0.18 15.62 0.24
C PRO E 63 0.70 16.88 -0.43
N SER E 64 0.06 18.00 -0.10
CA SER E 64 0.52 19.32 -0.54
C SER E 64 0.21 20.30 0.58
N PHE E 65 1.26 20.97 1.07
CA PHE E 65 1.16 21.82 2.24
C PHE E 65 1.75 23.18 1.95
N SER E 66 1.09 24.23 2.44
CA SER E 66 1.55 25.60 2.25
C SER E 66 1.03 26.47 3.39
N ILE E 67 1.82 27.47 3.76
CA ILE E 67 1.51 28.38 4.84
C ILE E 67 1.58 29.80 4.32
N GLY E 68 0.54 30.57 4.56
CA GLY E 68 0.48 31.97 4.17
C GLY E 68 0.86 32.90 5.29
N SER E 69 0.19 34.06 5.33
CA SER E 69 0.44 35.01 6.40
C SER E 69 0.04 34.45 7.75
N SER E 70 -1.18 33.93 7.86
CA SER E 70 -1.67 33.31 9.07
C SER E 70 -2.38 31.97 8.86
N ILE E 71 -2.89 31.71 7.67
CA ILE E 71 -3.62 30.48 7.38
C ILE E 71 -2.71 29.51 6.65
N TYR E 72 -3.15 28.26 6.57
CA TYR E 72 -2.44 27.23 5.83
C TYR E 72 -3.44 26.41 5.02
N MET E 73 -2.97 25.87 3.90
CA MET E 73 -3.77 25.00 3.04
C MET E 73 -3.11 23.64 2.99
N PHE E 74 -3.92 22.59 3.09
CA PHE E 74 -3.44 21.22 3.12
C PHE E 74 -4.37 20.36 2.28
N SER E 75 -3.78 19.51 1.43
CA SER E 75 -4.54 18.64 0.55
C SER E 75 -3.90 17.27 0.50
N GLN E 76 -4.72 16.23 0.44
CA GLN E 76 -4.25 14.86 0.43
C GLN E 76 -5.09 14.03 -0.53
N GLU E 77 -4.53 12.89 -0.95
CA GLU E 77 -5.15 12.00 -1.92
C GLU E 77 -5.35 10.63 -1.29
N ILE E 78 -6.51 10.03 -1.52
CA ILE E 78 -6.88 8.73 -0.96
C ILE E 78 -7.10 7.76 -2.10
N ARG E 79 -6.39 6.63 -2.06
CA ARG E 79 -6.43 5.63 -3.11
C ARG E 79 -6.96 4.31 -2.55
N LYS E 80 -7.53 3.50 -3.46
CA LYS E 80 -8.26 2.29 -3.07
C LYS E 80 -7.36 1.29 -2.36
N THR E 81 -6.38 0.74 -3.05
CA THR E 81 -5.50 -0.26 -2.47
C THR E 81 -4.02 0.03 -2.71
N ASP E 82 -3.66 0.52 -3.89
CA ASP E 82 -2.28 0.84 -4.22
C ASP E 82 -2.00 2.31 -3.96
N CYS E 83 -0.74 2.61 -3.69
CA CYS E 83 -0.35 3.97 -3.34
C CYS E 83 0.08 4.79 -4.55
N THR E 84 0.77 4.16 -5.51
CA THR E 84 1.12 4.85 -6.74
C THR E 84 0.03 4.72 -7.80
N THR E 85 -0.89 3.78 -7.63
CA THR E 85 -1.98 3.56 -8.56
C THR E 85 -3.26 3.26 -7.77
N GLY E 86 -4.31 2.89 -8.49
CA GLY E 86 -5.57 2.58 -7.86
C GLY E 86 -6.56 3.74 -7.97
N GLU E 87 -7.84 3.39 -7.96
CA GLU E 87 -8.89 4.39 -8.10
C GLU E 87 -8.81 5.42 -6.98
N ILE E 88 -8.97 6.69 -7.34
CA ILE E 88 -8.92 7.78 -6.38
C ILE E 88 -10.27 7.86 -5.67
N LEU E 89 -10.28 7.51 -4.38
CA LEU E 89 -11.53 7.55 -3.63
C LEU E 89 -12.01 8.98 -3.44
N SER E 90 -11.11 9.89 -3.10
CA SER E 90 -11.47 11.29 -2.93
C SER E 90 -10.20 12.09 -2.65
N ILE E 91 -10.30 13.40 -2.82
CA ILE E 91 -9.22 14.33 -2.53
C ILE E 91 -9.76 15.35 -1.54
N GLN E 92 -9.09 15.48 -0.39
CA GLN E 92 -9.57 16.29 0.71
C GLN E 92 -8.68 17.51 0.89
N ILE E 93 -9.30 18.66 1.08
CA ILE E 93 -8.60 19.92 1.30
C ILE E 93 -9.06 20.49 2.63
N VAL E 94 -8.11 20.93 3.45
CA VAL E 94 -8.38 21.47 4.78
C VAL E 94 -7.81 22.88 4.84
N LEU E 95 -8.67 23.84 5.21
CA LEU E 95 -8.25 25.22 5.44
C LEU E 95 -8.25 25.47 6.95
N GLY E 96 -7.06 25.56 7.52
CA GLY E 96 -6.92 25.77 8.95
C GLY E 96 -6.00 26.92 9.27
N ARG E 97 -5.97 27.32 10.55
CA ARG E 97 -5.13 28.42 11.01
C ARG E 97 -4.13 27.89 12.01
N ILE E 98 -2.86 28.23 11.81
CA ILE E 98 -1.82 27.87 12.78
C ILE E 98 -1.99 28.79 13.99
N VAL E 99 -2.15 28.19 15.17
CA VAL E 99 -2.40 28.92 16.40
C VAL E 99 -1.51 28.35 17.50
N ASP E 100 -1.65 28.93 18.69
CA ASP E 100 -0.92 28.49 19.88
C ASP E 100 -1.95 28.27 20.97
N LYS E 101 -1.90 27.09 21.61
CA LYS E 101 -2.82 26.72 22.67
C LYS E 101 -2.11 26.46 23.99
N GLY E 102 -0.98 27.13 24.21
CA GLY E 102 -0.23 27.00 25.44
C GLY E 102 0.75 25.86 25.48
N GLN E 103 0.77 25.00 24.46
CA GLN E 103 1.70 23.89 24.45
C GLN E 103 3.08 24.37 23.99
N GLN E 104 4.05 23.44 24.02
CA GLN E 104 5.43 23.81 23.74
C GLN E 104 5.58 24.33 22.31
N GLY E 105 4.96 23.66 21.34
CA GLY E 105 5.12 24.02 19.95
C GLY E 105 3.85 24.54 19.32
N PRO E 106 3.91 24.91 18.05
CA PRO E 106 2.71 25.37 17.34
C PRO E 106 1.69 24.25 17.18
N GLN E 107 0.46 24.65 16.92
CA GLN E 107 -0.65 23.73 16.73
C GLN E 107 -1.55 24.23 15.62
N ALA E 108 -2.35 23.31 15.07
CA ALA E 108 -3.26 23.60 13.97
C ALA E 108 -4.70 23.63 14.48
N SER E 109 -5.58 24.19 13.66
CA SER E 109 -7.00 24.30 14.00
C SER E 109 -7.79 24.41 12.71
N PRO E 110 -8.22 23.28 12.14
CA PRO E 110 -8.95 23.33 10.88
C PRO E 110 -10.19 24.19 10.98
N LEU E 111 -10.45 24.95 9.90
CA LEU E 111 -11.64 25.79 9.80
C LEU E 111 -12.64 25.30 8.77
N LEU E 112 -12.22 24.52 7.78
CA LEU E 112 -13.12 24.06 6.72
C LEU E 112 -12.47 22.89 6.01
N VAL E 113 -13.16 21.75 5.98
CA VAL E 113 -12.72 20.60 5.22
C VAL E 113 -13.58 20.51 3.96
N TRP E 114 -12.95 20.13 2.85
CA TRP E 114 -13.60 20.21 1.56
C TRP E 114 -13.17 19.02 0.71
N SER E 115 -14.10 18.50 -0.09
CA SER E 115 -13.83 17.40 -1.00
C SER E 115 -14.20 17.82 -2.41
N VAL E 116 -13.25 17.75 -3.32
CA VAL E 116 -13.49 18.22 -4.69
C VAL E 116 -14.53 17.33 -5.36
N PRO E 117 -15.51 17.88 -6.07
CA PRO E 117 -16.48 17.03 -6.77
C PRO E 117 -15.82 16.25 -7.89
N ASN E 118 -16.40 15.08 -8.18
CA ASN E 118 -15.95 14.22 -9.27
C ASN E 118 -14.44 14.02 -9.24
N PRO E 119 -13.92 13.33 -8.23
CA PRO E 119 -12.48 13.11 -8.14
C PRO E 119 -11.92 12.11 -9.14
N LYS E 120 -12.75 11.52 -9.99
CA LYS E 120 -12.28 10.59 -10.99
C LYS E 120 -11.83 11.27 -12.28
N ILE E 121 -12.02 12.58 -12.40
CA ILE E 121 -11.58 13.32 -13.58
C ILE E 121 -10.29 14.10 -13.35
N ILE E 122 -9.78 14.11 -12.13
CA ILE E 122 -8.61 14.92 -11.80
C ILE E 122 -7.35 14.17 -12.18
N ASN E 123 -6.35 14.91 -12.68
CA ASN E 123 -5.04 14.34 -12.92
C ASN E 123 -4.13 14.55 -11.70
N SER E 124 -4.10 15.78 -11.18
CA SER E 124 -3.36 16.08 -9.97
C SER E 124 -3.86 17.42 -9.43
N CYS E 125 -3.42 17.75 -8.23
CA CYS E 125 -3.86 18.97 -7.56
C CYS E 125 -2.73 19.54 -6.72
N ALA E 126 -2.85 20.83 -6.42
CA ALA E 126 -1.89 21.52 -5.56
C ALA E 126 -2.56 22.74 -4.98
N VAL E 127 -1.95 23.30 -3.93
CA VAL E 127 -2.53 24.40 -3.18
C VAL E 127 -1.61 25.61 -3.26
N ALA E 128 -2.13 26.76 -2.84
CA ALA E 128 -1.35 28.00 -2.80
C ALA E 128 -2.00 28.92 -1.77
N ALA E 129 -1.31 29.14 -0.66
CA ALA E 129 -1.83 29.95 0.43
C ALA E 129 -1.29 31.37 0.33
N GLY E 130 -2.19 32.35 0.43
CA GLY E 130 -1.80 33.74 0.34
C GLY E 130 -2.00 34.48 1.64
N ASP E 131 -2.82 35.52 1.63
CA ASP E 131 -3.12 36.33 2.81
C ASP E 131 -4.61 36.17 3.11
N GLU E 132 -4.93 35.28 4.03
CA GLU E 132 -6.31 34.98 4.38
C GLU E 132 -7.10 34.53 3.14
N THR E 133 -6.42 33.82 2.25
CA THR E 133 -7.04 33.38 1.00
C THR E 133 -6.30 32.13 0.53
N GLY E 134 -7.06 31.08 0.20
CA GLY E 134 -6.49 29.84 -0.27
C GLY E 134 -6.91 29.53 -1.70
N TRP E 135 -6.00 28.90 -2.43
CA TRP E 135 -6.23 28.58 -3.84
C TRP E 135 -5.90 27.11 -4.07
N VAL E 136 -6.68 26.47 -4.94
CA VAL E 136 -6.42 25.11 -5.39
C VAL E 136 -6.58 25.08 -6.90
N LEU E 137 -5.61 24.49 -7.59
CA LEU E 137 -5.64 24.34 -9.04
C LEU E 137 -5.47 22.88 -9.39
N CYS E 138 -6.41 22.33 -10.14
CA CYS E 138 -6.42 20.92 -10.50
C CYS E 138 -6.58 20.78 -12.01
N SER E 139 -5.73 19.94 -12.60
CA SER E 139 -5.82 19.63 -14.02
C SER E 139 -6.70 18.41 -14.24
N VAL E 140 -7.60 18.52 -15.21
CA VAL E 140 -8.58 17.49 -15.50
C VAL E 140 -8.16 16.77 -16.79
N THR E 141 -8.89 15.69 -17.08
CA THR E 141 -8.63 14.81 -18.24
C THR E 141 -9.86 14.70 -19.08
N LEU E 142 -9.69 14.40 -20.36
CA LEU E 142 -10.83 14.31 -21.26
C LEU E 142 -11.83 13.28 -20.76
N THR E 143 -13.11 13.55 -20.99
CA THR E 143 -14.19 12.66 -20.59
C THR E 143 -14.85 12.06 -21.82
N ALA E 144 -15.06 10.76 -21.79
CA ALA E 144 -15.74 10.08 -22.88
C ALA E 144 -17.20 10.56 -22.96
N ALA E 145 -17.91 10.05 -23.97
CA ALA E 145 -19.31 10.42 -24.12
C ALA E 145 -20.12 10.01 -22.91
N SER E 146 -19.84 8.83 -22.35
CA SER E 146 -20.52 8.39 -21.14
C SER E 146 -20.00 9.09 -19.89
N GLY E 147 -18.95 9.90 -20.02
CA GLY E 147 -18.31 10.51 -18.89
C GLY E 147 -17.17 9.71 -18.30
N GLU E 148 -16.86 8.56 -18.88
CA GLU E 148 -15.76 7.75 -18.38
C GLU E 148 -14.46 8.54 -18.52
N PRO E 149 -13.68 8.70 -17.45
CA PRO E 149 -12.46 9.50 -17.56
C PRO E 149 -11.38 8.80 -18.36
N ILE E 150 -11.08 9.32 -19.56
CA ILE E 150 -10.04 8.76 -20.40
C ILE E 150 -8.71 9.11 -19.74
N PRO E 151 -8.03 8.17 -19.09
CA PRO E 151 -6.88 8.54 -18.25
C PRO E 151 -5.75 9.15 -19.04
N HIS E 152 -5.02 10.04 -18.38
CA HIS E 152 -3.77 10.60 -18.91
C HIS E 152 -4.02 11.44 -20.15
N MET E 153 -5.21 12.02 -20.24
CA MET E 153 -5.53 13.04 -21.23
C MET E 153 -5.68 14.38 -20.54
N PHE E 154 -5.72 15.45 -21.34
CA PHE E 154 -5.78 16.81 -20.82
C PHE E 154 -6.95 17.54 -21.47
N ASP E 155 -7.73 18.24 -20.66
CA ASP E 155 -8.88 19.00 -21.14
C ASP E 155 -8.90 20.44 -20.69
N GLY E 156 -8.48 20.72 -19.46
CA GLY E 156 -8.51 22.08 -18.95
C GLY E 156 -8.02 22.22 -17.52
N PHE E 157 -8.70 23.05 -16.73
CA PHE E 157 -8.26 23.34 -15.38
C PHE E 157 -9.46 23.69 -14.51
N TRP E 158 -9.28 23.58 -13.20
CA TRP E 158 -10.22 24.09 -12.22
C TRP E 158 -9.46 24.91 -11.20
N LEU E 159 -9.98 26.09 -10.87
CA LEU E 159 -9.39 26.97 -9.88
C LEU E 159 -10.43 27.23 -8.79
N TYR E 160 -10.08 26.90 -7.55
CA TYR E 160 -11.01 26.98 -6.42
C TYR E 160 -10.53 28.06 -5.45
N LYS E 161 -11.46 28.91 -5.02
CA LYS E 161 -11.14 30.00 -4.10
C LYS E 161 -11.62 29.64 -2.70
N PHE E 162 -10.77 29.89 -1.70
CA PHE E 162 -11.06 29.57 -0.31
C PHE E 162 -10.85 30.80 0.56
N GLU E 163 -11.85 31.13 1.36
CA GLU E 163 -11.76 32.20 2.34
C GLU E 163 -12.33 31.70 3.66
N PRO E 164 -11.80 32.17 4.82
CA PRO E 164 -12.34 31.77 6.11
C PRO E 164 -13.79 32.16 6.18
N ASP E 165 -14.61 31.37 6.88
CA ASP E 165 -16.05 31.65 7.06
C ASP E 165 -16.63 32.12 5.72
N THR E 166 -16.39 31.40 4.62
CA THR E 166 -16.89 31.77 3.29
C THR E 166 -16.99 30.54 2.41
N GLU E 167 -18.15 30.30 1.80
CA GLU E 167 -18.30 29.17 0.85
C GLU E 167 -17.26 29.31 -0.26
N VAL E 168 -16.73 28.20 -0.78
CA VAL E 168 -15.68 28.28 -1.80
C VAL E 168 -16.29 28.71 -3.12
N VAL E 169 -15.45 29.23 -4.01
CA VAL E 169 -15.84 29.67 -5.34
C VAL E 169 -14.99 28.92 -6.35
N ALA E 170 -15.63 28.42 -7.40
CA ALA E 170 -14.96 27.59 -8.41
C ALA E 170 -14.90 28.35 -9.73
N TYR E 171 -13.74 28.33 -10.37
CA TYR E 171 -13.53 28.93 -11.68
C TYR E 171 -13.16 27.84 -12.67
N ARG E 172 -13.80 27.86 -13.84
CA ARG E 172 -13.53 26.89 -14.89
C ARG E 172 -12.69 27.55 -15.98
N ILE E 173 -11.57 26.92 -16.32
CA ILE E 173 -10.63 27.45 -17.29
C ILE E 173 -10.56 26.43 -18.43
N THR E 174 -10.99 26.83 -19.62
CA THR E 174 -10.99 25.95 -20.78
C THR E 174 -10.99 26.79 -22.05
N GLY E 175 -10.65 26.15 -23.16
CA GLY E 175 -10.65 26.84 -24.44
C GLY E 175 -9.56 27.90 -24.50
N PHE E 176 -9.95 29.09 -24.92
CA PHE E 176 -8.97 30.16 -25.12
C PHE E 176 -8.29 30.58 -23.82
N ALA E 177 -8.88 30.25 -22.66
CA ALA E 177 -8.38 30.76 -21.39
C ALA E 177 -6.96 30.33 -21.09
N TYR E 178 -6.45 29.27 -21.74
CA TYR E 178 -5.10 28.80 -21.54
C TYR E 178 -4.38 28.68 -22.88
N LEU E 179 -3.24 29.34 -22.99
CA LEU E 179 -2.39 29.27 -24.17
C LEU E 179 -1.00 28.85 -23.71
N LEU E 180 -0.73 27.55 -23.76
CA LEU E 180 0.58 27.01 -23.30
C LEU E 180 1.53 27.02 -24.50
N ASP E 181 2.80 27.31 -24.31
CA ASP E 181 3.75 27.43 -25.44
C ASP E 181 3.54 26.34 -26.48
N LYS E 182 3.82 25.09 -26.10
CA LYS E 182 3.77 23.94 -27.02
C LYS E 182 2.43 23.26 -26.82
N VAL E 183 2.10 22.27 -27.66
CA VAL E 183 0.85 21.54 -27.54
C VAL E 183 1.06 20.34 -26.63
N TYR E 184 0.29 20.28 -25.55
CA TYR E 184 0.44 19.25 -24.52
C TYR E 184 -0.72 18.27 -24.63
N ASP E 185 -0.48 17.04 -24.18
CA ASP E 185 -1.52 16.01 -24.18
C ASP E 185 -1.86 15.52 -22.78
N SER E 186 -0.92 15.63 -21.84
CA SER E 186 -1.16 15.27 -20.44
C SER E 186 -0.38 16.24 -19.56
N VAL E 187 -1.07 16.87 -18.62
CA VAL E 187 -0.49 17.89 -17.77
C VAL E 187 -0.67 17.50 -16.31
N PHE E 188 0.41 17.58 -15.54
CA PHE E 188 0.37 17.30 -14.10
C PHE E 188 0.93 18.50 -13.36
N ILE E 189 0.19 18.96 -12.35
CA ILE E 189 0.60 20.10 -11.54
C ILE E 189 1.50 19.60 -10.42
N GLY E 190 2.66 20.24 -10.27
CA GLY E 190 3.60 19.85 -9.24
C GLY E 190 2.98 19.88 -7.86
N LYS E 191 3.18 18.81 -7.09
CA LYS E 191 2.58 18.71 -5.77
C LYS E 191 3.11 19.76 -4.81
N GLY E 192 4.28 20.34 -5.10
CA GLY E 192 4.83 21.34 -4.20
C GLY E 192 3.89 22.51 -3.97
N GLY E 193 3.23 22.95 -5.03
CA GLY E 193 2.29 24.04 -4.94
C GLY E 193 2.77 25.30 -5.63
N GLY E 194 2.40 26.45 -5.10
CA GLY E 194 2.81 27.71 -5.68
C GLY E 194 2.75 28.82 -4.67
N ILE E 195 2.69 30.06 -5.19
CA ILE E 195 2.70 31.29 -4.37
C ILE E 195 1.61 32.19 -4.95
N GLN E 196 1.40 33.37 -4.37
CA GLN E 196 0.46 34.36 -4.93
C GLN E 196 1.11 35.73 -4.76
N ARG E 197 1.46 36.40 -5.86
CA ARG E 197 2.03 37.74 -5.83
C ARG E 197 1.15 38.67 -6.63
N GLY E 198 0.83 39.82 -6.05
CA GLY E 198 -0.06 40.74 -6.73
C GLY E 198 -1.40 40.08 -7.02
N ASN E 199 -1.83 40.16 -8.28
CA ASN E 199 -3.10 39.60 -8.72
C ASN E 199 -2.92 38.41 -9.63
N ASP E 200 -1.92 37.58 -9.36
CA ASP E 200 -1.60 36.43 -10.20
C ASP E 200 -1.13 35.28 -9.33
N LEU E 201 -0.91 34.13 -9.98
CA LEU E 201 -0.46 32.91 -9.32
C LEU E 201 0.67 32.28 -10.14
N TYR E 202 1.45 31.43 -9.49
CA TYR E 202 2.61 30.81 -10.14
C TYR E 202 2.76 29.39 -9.63
N PHE E 203 2.41 28.42 -10.47
CA PHE E 203 2.57 27.00 -10.20
C PHE E 203 3.67 26.44 -11.10
N GLN E 204 3.88 25.13 -11.01
CA GLN E 204 4.80 24.42 -11.88
C GLN E 204 4.14 23.14 -12.36
N MET E 205 4.22 22.88 -13.66
CA MET E 205 3.56 21.74 -14.28
C MET E 205 4.52 21.02 -15.19
N PHE E 206 4.26 19.73 -15.39
CA PHE E 206 5.04 18.91 -16.32
C PHE E 206 4.08 18.00 -17.06
N GLY E 207 4.53 17.53 -18.22
CA GLY E 207 3.67 16.70 -19.05
C GLY E 207 4.42 16.20 -20.27
N LEU E 208 3.66 15.69 -21.23
CA LEU E 208 4.21 15.20 -22.48
C LEU E 208 4.07 16.28 -23.55
N SER E 209 5.21 16.76 -24.04
CA SER E 209 5.26 17.81 -25.05
C SER E 209 5.81 17.23 -26.34
N ARG E 210 5.09 17.46 -27.43
CA ARG E 210 5.48 16.95 -28.74
C ARG E 210 6.55 17.88 -29.29
N ASN E 211 7.77 17.35 -29.46
CA ASN E 211 8.89 18.13 -29.94
C ASN E 211 9.12 17.84 -31.42
N ARG E 212 9.41 18.88 -32.21
CA ARG E 212 9.55 18.71 -33.69
C ARG E 212 10.86 19.35 -34.14
N GLN E 213 11.81 19.48 -33.23
CA GLN E 213 13.14 20.08 -33.54
C GLN E 213 14.22 19.08 -33.14
N SER E 214 15.49 19.46 -33.18
CA SER E 214 16.55 18.61 -32.67
C SER E 214 16.61 18.70 -31.15
N ILE E 215 16.85 17.55 -30.51
CA ILE E 215 16.95 17.47 -29.06
C ILE E 215 18.42 17.34 -28.70
N LYS E 216 18.90 18.28 -27.88
CA LYS E 216 20.22 18.20 -27.26
C LYS E 216 19.95 18.35 -25.76
N ALA E 217 19.65 17.24 -25.10
CA ALA E 217 19.28 17.27 -23.70
C ALA E 217 20.49 17.59 -22.83
N LEU E 218 20.22 18.10 -21.64
CA LEU E 218 21.27 18.42 -20.69
C LEU E 218 21.93 17.14 -20.19
N CYS E 219 23.25 17.09 -20.23
CA CYS E 219 24.01 15.88 -19.85
C CYS E 219 25.24 16.32 -19.07
N GLU E 220 25.13 16.34 -17.74
CA GLU E 220 26.24 16.76 -16.85
C GLU E 220 26.43 15.66 -15.82
N HIS E 221 27.62 15.07 -15.75
CA HIS E 221 27.87 13.92 -14.84
C HIS E 221 29.34 13.89 -14.45
N GLY E 222 29.71 13.05 -13.49
CA GLY E 222 31.06 12.97 -12.96
C GLY E 222 32.02 12.28 -13.90
N SER E 223 33.14 11.80 -13.38
CA SER E 223 34.17 11.13 -14.17
C SER E 223 33.80 9.66 -14.30
N CYS E 224 33.05 9.34 -15.34
CA CYS E 224 32.65 7.96 -15.64
C CYS E 224 33.45 7.46 -16.84
N LEU E 225 33.95 6.23 -16.75
CA LEU E 225 34.96 5.74 -17.67
C LEU E 225 34.53 4.44 -18.37
N GLY E 226 33.26 4.04 -18.23
CA GLY E 226 32.80 2.86 -18.92
C GLY E 226 32.80 3.08 -20.43
N THR E 227 31.89 3.93 -20.89
CA THR E 227 31.92 4.49 -22.23
C THR E 227 31.72 5.99 -22.12
N GLY E 228 32.39 6.59 -21.13
CA GLY E 228 31.96 7.85 -20.59
C GLY E 228 30.80 7.75 -19.64
N GLY E 229 30.48 6.54 -19.19
CA GLY E 229 29.30 6.33 -18.37
C GLY E 229 28.00 6.55 -19.09
N GLY E 230 27.92 6.22 -20.37
CA GLY E 230 26.79 6.63 -21.16
C GLY E 230 26.78 8.13 -21.41
N GLY E 231 27.92 8.77 -21.24
CA GLY E 231 28.03 10.21 -21.39
C GLY E 231 28.15 10.65 -22.83
N TYR E 232 28.08 9.69 -23.75
CA TYR E 232 28.12 9.99 -25.18
C TYR E 232 26.81 10.60 -25.67
N GLN E 233 25.92 10.97 -24.77
CA GLN E 233 24.81 11.87 -25.04
C GLN E 233 23.67 11.21 -25.80
N VAL E 234 23.86 9.97 -26.24
CA VAL E 234 22.76 9.22 -26.85
C VAL E 234 21.79 8.84 -25.74
N LEU E 235 22.34 8.40 -24.60
CA LEU E 235 21.50 7.97 -23.48
C LEU E 235 20.90 9.17 -22.75
N CYS E 236 21.65 10.26 -22.61
CA CYS E 236 21.08 11.46 -22.00
C CYS E 236 19.91 11.98 -22.82
N ASP E 237 19.97 11.84 -24.15
CA ASP E 237 18.82 12.24 -25.00
C ASP E 237 17.74 11.18 -24.86
N ARG E 238 18.14 9.93 -24.72
CA ARG E 238 17.18 8.81 -24.62
C ARG E 238 16.29 9.03 -23.40
N ALA E 239 16.85 9.52 -22.29
CA ALA E 239 16.10 9.64 -21.05
C ALA E 239 14.94 10.61 -21.19
N VAL E 240 15.13 11.73 -21.87
CA VAL E 240 14.08 12.78 -21.98
C VAL E 240 12.95 12.33 -22.91
N MET E 241 13.21 11.38 -23.81
CA MET E 241 12.21 10.96 -24.83
C MET E 241 11.16 10.01 -24.23
N SER E 242 9.91 10.06 -24.69
CA SER E 242 8.87 9.13 -24.28
C SER E 242 8.90 7.89 -25.16
N PHE E 243 9.23 6.75 -24.56
CA PHE E 243 9.33 5.47 -25.25
C PHE E 243 10.34 5.49 -26.38
N GLY E 244 11.43 6.22 -26.23
CA GLY E 244 12.44 6.28 -27.28
C GLY E 244 11.92 6.85 -28.59
N SER E 245 11.05 7.85 -28.51
CA SER E 245 10.52 8.52 -29.69
C SER E 245 10.90 10.00 -29.64
N GLU E 246 11.48 10.50 -30.72
CA GLU E 246 11.92 11.88 -30.75
C GLU E 246 10.75 12.86 -30.75
N GLU E 247 9.57 12.40 -31.18
CA GLU E 247 8.43 13.29 -31.39
C GLU E 247 7.71 13.63 -30.08
N SER E 248 8.01 12.93 -28.99
CA SER E 248 7.35 13.20 -27.71
C SER E 248 8.40 13.32 -26.62
N LEU E 249 8.26 14.34 -25.77
CA LEU E 249 9.20 14.59 -24.69
C LEU E 249 8.43 14.82 -23.40
N ILE E 250 9.14 14.69 -22.27
CA ILE E 250 8.62 15.02 -20.96
C ILE E 250 9.38 16.24 -20.47
N SER E 251 8.68 17.35 -20.30
CA SER E 251 9.33 18.63 -20.01
C SER E 251 8.54 19.38 -18.94
N ASN E 252 9.24 20.26 -18.24
CA ASN E 252 8.66 21.13 -17.22
C ASN E 252 8.27 22.47 -17.85
N ALA E 253 7.56 23.27 -17.07
CA ALA E 253 7.13 24.58 -17.55
C ALA E 253 6.55 25.37 -16.38
N TYR E 254 6.82 26.68 -16.39
CA TYR E 254 6.16 27.59 -15.47
C TYR E 254 4.69 27.76 -15.85
N LEU E 255 3.86 28.04 -14.85
CA LEU E 255 2.45 28.27 -15.06
C LEU E 255 2.05 29.56 -14.35
N LYS E 256 1.21 30.36 -15.00
CA LYS E 256 0.80 31.64 -14.46
C LYS E 256 -0.69 31.87 -14.73
N VAL E 257 -1.37 32.42 -13.74
CA VAL E 257 -2.79 32.76 -13.85
C VAL E 257 -2.91 34.28 -13.73
N ASN E 258 -3.64 34.88 -14.68
CA ASN E 258 -3.71 36.35 -14.78
C ASN E 258 -5.01 36.81 -14.12
N ASP E 259 -5.08 38.06 -13.67
CA ASP E 259 -6.32 38.63 -13.05
C ASP E 259 -6.96 37.54 -12.17
N VAL E 260 -6.32 37.21 -11.05
CA VAL E 260 -6.84 36.15 -10.14
C VAL E 260 -8.07 36.74 -9.43
N ALA E 261 -8.07 38.06 -9.18
CA ALA E 261 -9.22 38.73 -8.52
C ALA E 261 -10.39 38.76 -9.49
N SER E 262 -10.15 39.22 -10.70
CA SER E 262 -11.22 39.21 -11.73
C SER E 262 -11.81 37.80 -11.78
N GLY E 263 -13.09 37.65 -12.13
CA GLY E 263 -13.76 36.34 -12.17
C GLY E 263 -13.55 35.64 -13.50
N LYS E 264 -12.54 36.02 -14.28
CA LYS E 264 -12.28 35.44 -15.61
C LYS E 264 -10.77 35.19 -15.76
N PRO E 265 -10.10 34.38 -14.92
CA PRO E 265 -8.66 34.21 -15.03
C PRO E 265 -8.24 33.66 -16.38
N THR E 266 -6.95 33.80 -16.68
CA THR E 266 -6.37 33.32 -17.92
C THR E 266 -5.01 32.69 -17.59
N ILE E 267 -4.63 31.69 -18.38
CA ILE E 267 -3.47 30.86 -18.11
C ILE E 267 -2.45 31.03 -19.23
N ILE E 268 -1.18 31.21 -18.84
CA ILE E 268 -0.05 31.23 -19.76
C ILE E 268 1.04 30.36 -19.16
N SER E 269 1.92 29.86 -20.02
CA SER E 269 2.96 28.91 -19.62
C SER E 269 4.30 29.32 -20.22
N GLN E 270 5.35 28.60 -19.82
CA GLN E 270 6.70 28.85 -20.33
C GLN E 270 7.49 27.55 -20.19
N THR E 271 7.74 26.88 -21.31
CA THR E 271 8.34 25.55 -21.28
C THR E 271 9.86 25.65 -21.24
N PHE E 272 10.48 24.80 -20.43
CA PHE E 272 11.93 24.78 -20.33
C PHE E 272 12.54 24.16 -21.59
N PRO E 273 13.68 24.67 -22.07
CA PRO E 273 14.39 23.97 -23.14
C PRO E 273 14.98 22.67 -22.61
N PRO E 274 14.96 21.60 -23.41
CA PRO E 274 15.63 20.37 -22.98
C PRO E 274 17.13 20.54 -22.77
N SER E 275 17.74 21.57 -23.36
CA SER E 275 19.18 21.76 -23.25
C SER E 275 19.63 22.06 -21.82
N ASP E 276 18.71 22.49 -20.96
CA ASP E 276 19.05 22.83 -19.58
C ASP E 276 18.04 22.25 -18.60
N SER E 277 17.55 21.04 -18.89
CA SER E 277 16.54 20.41 -18.05
C SER E 277 16.73 18.90 -18.08
N TYR E 278 16.03 18.18 -17.19
CA TYR E 278 16.04 16.70 -17.14
C TYR E 278 14.59 16.28 -17.32
N LYS E 279 14.29 14.99 -17.21
CA LYS E 279 12.91 14.53 -17.47
C LYS E 279 11.95 15.27 -16.53
N GLY E 280 10.73 15.61 -16.98
CA GLY E 280 9.78 16.36 -16.20
C GLY E 280 9.36 15.63 -14.93
N SER E 281 9.14 16.38 -13.86
CA SER E 281 8.80 15.78 -12.58
C SER E 281 8.05 16.81 -11.74
N ASN E 282 7.80 16.45 -10.49
CA ASN E 282 7.11 17.34 -9.57
C ASN E 282 8.06 18.40 -9.03
N GLY E 283 7.51 19.56 -8.70
CA GLY E 283 8.32 20.65 -8.19
C GLY E 283 7.49 21.64 -7.41
N ARG E 284 8.16 22.72 -7.00
CA ARG E 284 7.56 23.70 -6.11
C ARG E 284 8.03 25.09 -6.52
N ILE E 285 7.29 26.10 -6.07
CA ILE E 285 7.62 27.50 -6.31
C ILE E 285 7.79 28.20 -4.97
N TYR E 286 8.92 28.88 -4.79
CA TYR E 286 9.22 29.62 -3.58
C TYR E 286 9.09 31.11 -3.81
N THR E 287 9.19 31.87 -2.73
CA THR E 287 9.09 33.32 -2.76
C THR E 287 10.16 33.95 -1.88
N ILE E 288 11.40 33.46 -1.99
CA ILE E 288 12.46 33.92 -1.10
C ILE E 288 12.75 35.38 -1.36
N GLY E 289 12.77 36.17 -0.29
CA GLY E 289 13.05 37.59 -0.42
C GLY E 289 12.11 38.24 -1.43
N GLU E 290 12.70 39.07 -2.30
CA GLU E 290 11.97 39.61 -3.44
C GLU E 290 12.13 38.75 -4.69
N ARG E 291 13.08 37.83 -4.66
CA ARG E 291 13.35 36.93 -5.81
C ARG E 291 12.27 35.85 -5.83
N TYR E 292 12.48 34.77 -6.58
CA TYR E 292 11.56 33.61 -6.55
C TYR E 292 12.46 32.40 -6.59
N GLY E 293 11.89 31.20 -6.57
CA GLY E 293 12.69 29.97 -6.58
C GLY E 293 11.92 28.84 -7.22
N ILE E 294 12.57 27.71 -7.51
CA ILE E 294 11.87 26.55 -8.04
C ILE E 294 12.70 25.31 -7.75
N TYR E 295 12.05 24.26 -7.24
CA TYR E 295 12.68 22.99 -6.94
C TYR E 295 12.08 21.90 -7.82
N LEU E 296 12.95 21.06 -8.37
CA LEU E 296 12.53 20.00 -9.29
C LEU E 296 13.03 18.66 -8.76
N ALA E 297 12.12 17.72 -8.57
CA ALA E 297 12.49 16.43 -8.00
C ALA E 297 13.20 15.57 -9.03
N PRO E 298 14.17 14.76 -8.62
CA PRO E 298 14.80 13.83 -9.55
C PRO E 298 13.81 12.84 -10.14
N SER E 299 14.03 12.50 -11.40
CA SER E 299 13.20 11.51 -12.08
C SER E 299 13.98 10.57 -12.99
N SER E 300 15.31 10.59 -12.95
CA SER E 300 16.11 9.78 -13.85
C SER E 300 17.48 9.57 -13.21
N TRP E 301 18.46 9.17 -14.03
CA TRP E 301 19.80 8.89 -13.52
C TRP E 301 20.31 9.97 -12.57
N ASN E 302 20.03 11.23 -12.88
CA ASN E 302 20.52 12.32 -12.04
C ASN E 302 19.67 12.41 -10.77
N ARG E 303 20.30 12.22 -9.62
CA ARG E 303 19.62 12.23 -8.33
C ARG E 303 20.16 13.33 -7.41
N TYR E 304 20.72 14.38 -7.99
CA TYR E 304 21.25 15.50 -7.24
C TYR E 304 20.16 16.55 -7.01
N LEU E 305 20.45 17.47 -6.10
CA LEU E 305 19.54 18.59 -5.84
C LEU E 305 19.44 19.47 -7.08
N ARG E 306 18.22 19.93 -7.38
CA ARG E 306 17.96 20.77 -8.54
C ARG E 306 17.12 21.96 -8.07
N PHE E 307 17.81 23.06 -7.75
CA PHE E 307 17.16 24.29 -7.30
C PHE E 307 17.61 25.45 -8.17
N GLY E 308 16.68 26.33 -8.49
CA GLY E 308 16.97 27.47 -9.34
C GLY E 308 16.46 28.77 -8.75
N LEU E 309 17.28 29.81 -8.61
CA LEU E 309 16.86 31.14 -8.09
C LEU E 309 16.74 32.12 -9.26
N THR E 310 15.60 32.77 -9.46
CA THR E 310 15.32 33.63 -10.64
C THR E 310 14.93 35.04 -10.22
N PRO E 311 15.48 36.15 -10.79
CA PRO E 311 15.03 37.48 -10.41
C PRO E 311 13.54 37.68 -10.58
N ASP E 312 12.91 36.92 -11.46
CA ASP E 312 11.45 37.07 -11.74
C ASP E 312 10.85 35.68 -11.91
N ILE E 313 9.99 35.45 -12.90
CA ILE E 313 9.45 34.09 -13.21
C ILE E 313 9.67 33.92 -14.71
N SER E 314 10.90 33.60 -15.12
CA SER E 314 11.26 33.51 -16.54
C SER E 314 12.32 32.44 -16.72
N VAL E 315 12.17 31.64 -17.78
CA VAL E 315 13.14 30.59 -18.06
C VAL E 315 14.50 31.19 -18.34
N ARG E 316 14.54 32.33 -19.04
CA ARG E 316 15.82 32.93 -19.41
C ARG E 316 16.60 33.38 -18.19
N SER E 317 15.91 33.92 -17.19
CA SER E 317 16.55 34.51 -16.02
C SER E 317 16.79 33.52 -14.89
N THR E 318 16.48 32.25 -15.08
CA THR E 318 16.65 31.25 -14.02
C THR E 318 18.12 30.86 -13.89
N THR E 319 18.61 30.85 -12.65
CA THR E 319 19.97 30.45 -12.33
C THR E 319 19.91 29.27 -11.37
N TRP E 320 20.72 28.25 -11.64
CA TRP E 320 20.65 27.00 -10.90
C TRP E 320 21.71 26.95 -9.81
N LEU E 321 21.36 26.28 -8.71
CA LEU E 321 22.28 26.11 -7.60
C LEU E 321 23.31 25.04 -7.92
N LYS E 322 24.36 24.98 -7.10
CA LYS E 322 25.47 24.05 -7.30
C LYS E 322 25.76 23.26 -6.04
N GLU E 323 24.71 22.70 -5.44
CA GLU E 323 24.83 21.88 -4.24
C GLU E 323 24.20 20.52 -4.47
N LYS E 324 24.73 19.52 -3.78
CA LYS E 324 24.32 18.12 -3.95
C LYS E 324 23.21 17.72 -3.00
N ASP E 325 23.40 17.88 -1.70
CA ASP E 325 22.42 17.39 -0.74
C ASP E 325 21.09 18.12 -0.94
N PRO E 326 19.95 17.40 -0.83
CA PRO E 326 19.81 15.98 -0.48
C PRO E 326 19.91 15.07 -1.69
N ILE E 327 20.88 14.15 -1.71
CA ILE E 327 20.97 13.17 -2.77
C ILE E 327 19.89 12.11 -2.57
N MET E 328 18.95 12.06 -3.49
CA MET E 328 17.85 11.10 -3.39
C MET E 328 18.40 9.69 -3.37
N LYS E 329 17.89 8.87 -2.45
CA LYS E 329 18.42 7.52 -2.27
C LYS E 329 17.32 6.49 -2.03
N VAL E 330 16.05 6.86 -2.17
CA VAL E 330 14.94 5.96 -1.88
C VAL E 330 13.96 6.01 -3.04
N LEU E 331 13.21 4.92 -3.22
CA LEU E 331 12.24 4.81 -4.30
C LEU E 331 12.92 4.97 -5.65
N THR E 332 14.15 4.45 -5.75
CA THR E 332 14.97 4.59 -6.95
C THR E 332 15.21 3.22 -7.56
N THR E 333 15.36 3.21 -8.89
CA THR E 333 15.71 2.02 -9.63
C THR E 333 17.11 2.10 -10.22
N CYS E 334 17.80 3.23 -10.06
CA CYS E 334 19.11 3.40 -10.66
C CYS E 334 20.15 2.57 -9.91
N THR E 335 21.40 2.59 -10.42
CA THR E 335 22.52 1.88 -9.80
C THR E 335 23.79 2.65 -10.09
N ASN E 336 23.74 3.98 -10.06
CA ASN E 336 24.91 4.83 -10.42
C ASN E 336 25.53 5.41 -9.15
N THR E 337 26.80 5.16 -8.85
CA THR E 337 27.38 5.63 -7.57
C THR E 337 27.07 7.10 -7.44
N ASP E 338 26.85 7.59 -6.21
CA ASP E 338 26.54 9.01 -5.95
C ASP E 338 27.85 9.79 -5.91
N LYS E 339 29.00 9.14 -6.14
CA LYS E 339 30.31 9.84 -6.19
C LYS E 339 30.43 10.40 -7.61
N ASP E 340 30.04 9.61 -8.61
CA ASP E 340 30.00 10.06 -10.02
C ASP E 340 28.70 9.51 -10.59
N MET E 341 27.60 10.29 -10.55
CA MET E 341 26.27 9.84 -11.03
C MET E 341 26.53 9.57 -12.51
N CYS E 342 26.60 8.30 -12.91
CA CYS E 342 26.96 7.92 -14.30
C CYS E 342 25.62 7.82 -15.05
N PRO E 343 25.40 8.58 -16.13
CA PRO E 343 24.11 8.53 -16.84
C PRO E 343 23.70 7.09 -17.12
N GLU E 344 22.42 6.78 -16.97
CA GLU E 344 21.95 5.41 -17.22
C GLU E 344 20.48 5.53 -17.57
N ILE E 345 19.66 4.57 -17.19
CA ILE E 345 18.20 4.67 -17.41
C ILE E 345 17.48 4.07 -16.20
N CYS E 346 16.60 4.84 -15.57
CA CYS E 346 15.84 4.38 -14.41
C CYS E 346 14.65 5.31 -14.25
N ASN E 347 13.96 5.20 -13.10
CA ASN E 347 12.81 6.08 -12.80
C ASN E 347 12.67 6.26 -11.29
N THR E 348 13.23 7.32 -10.70
CA THR E 348 12.99 7.63 -9.29
C THR E 348 11.59 8.22 -9.13
N ARG E 349 11.00 8.01 -7.95
CA ARG E 349 9.64 8.47 -7.66
C ARG E 349 9.55 9.07 -6.27
N GLY E 350 10.65 9.68 -5.80
CA GLY E 350 10.70 10.30 -4.51
C GLY E 350 10.41 11.79 -4.56
N TYR E 351 10.49 12.41 -3.39
CA TYR E 351 10.26 13.85 -3.26
C TYR E 351 10.88 14.32 -1.95
N GLN E 352 11.84 15.27 -1.98
CA GLN E 352 12.54 15.78 -0.77
C GLN E 352 12.97 17.25 -0.96
N ASP E 353 12.09 18.22 -0.75
CA ASP E 353 12.31 19.67 -1.04
C ASP E 353 13.21 20.32 0.02
N ILE E 354 13.68 21.54 -0.23
CA ILE E 354 14.61 22.26 0.71
C ILE E 354 14.12 23.71 0.91
N PHE E 355 13.91 24.13 2.16
CA PHE E 355 13.39 25.49 2.46
C PHE E 355 14.57 26.45 2.72
N PRO E 356 14.82 27.48 1.88
CA PRO E 356 15.95 28.39 2.08
C PRO E 356 15.79 29.23 3.33
N LEU E 357 16.92 29.65 3.88
CA LEU E 357 16.98 30.47 5.09
C LEU E 357 17.91 31.65 4.90
N SER E 358 17.96 32.21 3.70
CA SER E 358 18.80 33.37 3.40
C SER E 358 18.22 34.07 2.18
N GLU E 359 18.98 35.01 1.60
CA GLU E 359 18.55 35.76 0.39
C GLU E 359 19.11 35.05 -0.84
N ASP E 360 20.36 34.57 -0.79
CA ASP E 360 20.92 33.76 -1.88
C ASP E 360 20.68 32.27 -1.66
N SER E 361 19.96 31.91 -0.60
CA SER E 361 19.65 30.51 -0.29
C SER E 361 20.92 29.73 0.03
N SER E 362 21.90 30.41 0.61
CA SER E 362 23.09 29.73 1.11
C SER E 362 22.83 28.98 2.42
N PHE E 363 21.71 29.29 3.06
CA PHE E 363 21.27 28.52 4.24
C PHE E 363 20.05 27.82 3.75
N TYR E 364 19.73 26.65 4.26
CA TYR E 364 18.46 25.99 3.91
C TYR E 364 18.35 24.84 4.84
N THR E 365 17.26 24.09 4.85
CA THR E 365 17.01 22.96 5.73
C THR E 365 16.30 21.90 4.92
N TYR E 366 16.60 20.62 5.13
CA TYR E 366 16.01 19.53 4.38
C TYR E 366 15.88 18.31 5.29
N ILE E 367 15.24 17.26 4.77
CA ILE E 367 15.06 16.00 5.48
C ILE E 367 15.73 14.91 4.66
N GLY E 368 16.71 14.24 5.26
CA GLY E 368 17.46 13.22 4.55
C GLY E 368 17.05 11.81 4.90
N ILE E 369 16.55 11.07 3.91
CA ILE E 369 16.10 9.69 4.09
C ILE E 369 17.13 8.77 3.46
N THR E 370 17.55 7.75 4.21
CA THR E 370 18.45 6.74 3.69
C THR E 370 17.86 5.36 3.96
N PRO E 371 17.83 4.47 2.94
CA PRO E 371 17.17 3.18 3.09
C PRO E 371 17.98 2.25 3.95
N SER E 372 17.31 1.41 4.75
CA SER E 372 17.96 0.43 5.67
C SER E 372 17.63 -0.98 5.20
N ASN E 373 18.29 -2.01 5.73
CA ASN E 373 17.99 -3.42 5.38
C ASN E 373 16.48 -3.56 5.30
N GLU E 374 15.75 -2.96 6.23
CA GLU E 374 14.27 -2.92 6.21
C GLU E 374 13.89 -1.46 6.47
N GLY E 375 12.73 -1.01 6.00
CA GLY E 375 12.30 0.35 6.28
C GLY E 375 13.33 1.38 5.84
N THR E 376 13.39 2.48 6.59
CA THR E 376 14.30 3.57 6.28
C THR E 376 14.76 4.23 7.57
N LYS E 377 15.89 4.94 7.51
CA LYS E 377 16.45 5.70 8.66
C LYS E 377 16.56 7.15 8.18
N SER E 378 15.99 8.14 8.85
CA SER E 378 15.88 9.53 8.43
C SER E 378 16.59 10.43 9.42
N PHE E 379 16.86 11.65 8.98
CA PHE E 379 17.47 12.67 9.82
C PHE E 379 17.04 14.05 9.31
N VAL E 380 17.20 15.05 10.16
CA VAL E 380 16.89 16.44 9.83
C VAL E 380 18.18 17.24 9.91
N ALA E 381 18.37 18.12 8.92
CA ALA E 381 19.62 18.85 8.83
C ALA E 381 19.37 20.23 8.26
N VAL E 382 20.30 21.17 8.50
CA VAL E 382 20.21 22.56 7.96
C VAL E 382 21.56 22.85 7.31
N LYS E 383 21.58 23.09 5.99
CA LYS E 383 22.86 23.25 5.26
C LYS E 383 23.50 24.60 5.61
N ASP E 384 24.79 24.61 5.94
CA ASP E 384 25.52 25.84 6.21
C ASP E 384 26.12 26.40 4.92
N ASP E 385 26.20 27.72 4.80
CA ASP E 385 26.77 28.37 3.60
C ASP E 385 28.23 27.93 3.43
N ALA E 386 28.90 27.53 4.50
CA ALA E 386 30.33 27.13 4.47
C ALA E 386 30.50 25.70 3.96
N GLY E 387 29.41 24.96 3.72
CA GLY E 387 29.45 23.58 3.29
C GLY E 387 29.18 22.58 4.40
N HIS E 388 29.21 23.01 5.66
CA HIS E 388 28.94 22.09 6.76
C HIS E 388 27.44 21.87 6.92
N VAL E 389 27.10 20.82 7.68
CA VAL E 389 25.73 20.50 8.00
C VAL E 389 25.63 20.16 9.49
N ALA E 390 24.43 20.33 10.04
CA ALA E 390 24.13 19.96 11.41
C ALA E 390 22.93 19.01 11.36
N SER E 391 23.17 17.76 11.71
CA SER E 391 22.20 16.69 11.52
C SER E 391 21.70 16.16 12.85
N ILE E 392 20.41 15.82 12.90
CA ILE E 392 19.79 15.23 14.08
C ILE E 392 18.90 14.08 13.62
N THR E 393 19.08 12.92 14.24
CA THR E 393 18.25 11.76 13.94
C THR E 393 16.84 11.99 14.48
N ILE E 394 15.84 11.56 13.72
CA ILE E 394 14.45 11.80 14.07
C ILE E 394 13.62 10.58 13.71
N LEU E 395 12.49 10.44 14.40
CA LEU E 395 11.55 9.33 14.22
C LEU E 395 12.28 7.99 14.24
N PRO E 396 12.79 7.56 15.39
CA PRO E 396 13.39 6.22 15.48
C PRO E 396 12.40 5.09 15.69
N ASN E 397 11.11 5.41 15.80
CA ASN E 397 10.05 4.39 16.01
C ASN E 397 9.43 3.98 14.69
N TYR E 398 9.33 4.88 13.72
CA TYR E 398 8.60 4.61 12.50
C TYR E 398 9.33 3.59 11.64
N TYR E 399 8.57 2.68 11.04
CA TYR E 399 9.16 1.65 10.20
C TYR E 399 9.85 2.26 8.99
N SER E 400 9.14 3.13 8.27
CA SER E 400 9.70 3.73 7.06
C SER E 400 8.88 4.95 6.67
N ILE E 401 9.59 5.99 6.23
CA ILE E 401 8.99 7.17 5.64
C ILE E 401 9.64 7.40 4.29
N THR E 402 8.90 8.07 3.41
CA THR E 402 9.29 8.18 2.00
C THR E 402 9.56 9.60 1.55
N SER E 403 8.66 10.54 1.82
CA SER E 403 8.78 11.91 1.31
C SER E 403 8.80 12.88 2.47
N ALA E 404 9.05 14.15 2.16
CA ALA E 404 9.09 15.21 3.16
C ALA E 404 8.71 16.53 2.50
N THR E 405 8.26 17.47 3.32
CA THR E 405 7.90 18.81 2.88
C THR E 405 8.04 19.76 4.05
N ILE E 406 8.74 20.88 3.82
CA ILE E 406 9.07 21.83 4.87
C ILE E 406 8.46 23.17 4.53
N SER E 407 7.98 23.88 5.56
CA SER E 407 7.43 25.22 5.40
C SER E 407 7.65 25.97 6.71
N CYS E 408 8.69 26.81 6.74
CA CYS E 408 9.07 27.54 7.94
C CYS E 408 8.26 28.83 8.07
N PHE E 409 8.40 29.47 9.23
CA PHE E 409 7.68 30.70 9.51
C PHE E 409 8.24 31.30 10.79
N MET E 410 7.89 32.57 11.03
CA MET E 410 8.24 33.26 12.25
C MET E 410 7.13 33.07 13.28
N TYR E 411 7.48 32.56 14.45
CA TYR E 411 6.51 32.29 15.50
C TYR E 411 7.21 32.42 16.84
N LYS E 412 6.78 33.41 17.63
CA LYS E 412 7.42 33.72 18.91
C LYS E 412 8.88 34.10 18.70
N GLU E 413 9.09 35.16 17.91
CA GLU E 413 10.40 35.70 17.59
C GLU E 413 11.42 34.60 17.30
N GLU E 414 10.97 33.49 16.71
CA GLU E 414 11.83 32.38 16.35
C GLU E 414 11.32 31.77 15.06
N ILE E 415 12.21 31.04 14.38
CA ILE E 415 11.89 30.36 13.13
C ILE E 415 11.50 28.93 13.46
N TRP E 416 10.24 28.60 13.24
CA TRP E 416 9.71 27.26 13.48
C TRP E 416 9.21 26.68 12.16
N CYS E 417 9.59 25.44 11.89
CA CYS E 417 9.28 24.79 10.63
C CYS E 417 8.42 23.54 10.88
N ILE E 418 7.52 23.27 9.94
CA ILE E 418 6.62 22.13 10.01
C ILE E 418 6.99 21.18 8.88
N ALA E 419 7.28 19.93 9.24
CA ALA E 419 7.66 18.90 8.28
C ALA E 419 6.52 17.91 8.14
N VAL E 420 6.00 17.79 6.93
CA VAL E 420 4.94 16.84 6.61
C VAL E 420 5.56 15.66 5.87
N THR E 421 5.29 14.45 6.34
CA THR E 421 5.86 13.24 5.78
C THR E 421 4.78 12.18 5.64
N GLU E 422 5.11 11.12 4.90
CA GLU E 422 4.22 9.98 4.72
C GLU E 422 5.02 8.70 4.85
N GLY E 423 4.36 7.64 5.32
CA GLY E 423 5.04 6.37 5.53
C GLY E 423 4.17 5.43 6.33
N ARG E 424 4.83 4.55 7.06
CA ARG E 424 4.18 3.54 7.89
C ARG E 424 4.93 3.43 9.21
N LYS E 425 4.22 3.69 10.31
CA LYS E 425 4.83 3.48 11.63
C LYS E 425 4.96 2.00 11.95
N GLN E 426 3.93 1.23 11.59
CA GLN E 426 3.94 -0.24 11.77
C GLN E 426 4.13 -0.86 10.39
N LYS E 427 4.89 -1.94 10.27
CA LYS E 427 5.19 -2.55 8.97
C LYS E 427 3.91 -3.00 8.26
N GLU E 428 2.93 -3.50 9.01
CA GLU E 428 1.75 -4.11 8.42
C GLU E 428 0.61 -3.12 8.22
N ASN E 429 0.82 -1.85 8.54
CA ASN E 429 -0.25 -0.83 8.41
C ASN E 429 -0.13 -0.18 7.03
N PRO E 430 -1.23 0.26 6.37
CA PRO E 430 -1.14 0.99 5.11
C PRO E 430 -0.39 2.31 5.28
N GLN E 431 -0.11 2.95 4.15
CA GLN E 431 0.63 4.21 4.17
C GLN E 431 -0.25 5.33 4.71
N ARG E 432 0.35 6.19 5.53
CA ARG E 432 -0.34 7.31 6.16
C ARG E 432 0.52 8.55 6.08
N ILE E 433 -0.03 9.67 6.53
CA ILE E 433 0.64 10.97 6.50
C ILE E 433 0.80 11.47 7.93
N TYR E 434 2.01 11.89 8.28
CA TYR E 434 2.32 12.38 9.62
C TYR E 434 2.95 13.76 9.53
N ALA E 435 2.61 14.61 10.49
CA ALA E 435 3.07 15.98 10.54
C ALA E 435 3.85 16.22 11.83
N HIS E 436 4.90 17.02 11.73
CA HIS E 436 5.72 17.32 12.90
C HIS E 436 6.15 18.78 12.77
N SER E 437 6.75 19.35 13.79
CA SER E 437 7.33 20.68 13.77
C SER E 437 8.57 20.71 14.67
N TYR E 438 9.53 21.55 14.31
CA TYR E 438 10.75 21.72 15.07
C TYR E 438 11.15 23.18 15.03
N ARG E 439 12.32 23.49 15.59
CA ARG E 439 12.78 24.86 15.75
C ARG E 439 14.16 25.01 15.14
N VAL E 440 14.39 26.16 14.49
CA VAL E 440 15.69 26.52 13.96
C VAL E 440 16.25 27.64 14.83
N GLN E 441 17.41 27.40 15.42
CA GLN E 441 18.03 28.34 16.33
C GLN E 441 19.39 28.77 15.80
N LYS E 442 19.63 30.08 15.82
CA LYS E 442 20.83 30.67 15.27
C LYS E 442 21.85 30.87 16.37
N MET E 443 23.11 30.60 16.05
CA MET E 443 24.21 30.80 16.98
C MET E 443 25.52 30.89 16.20
N CYS E 444 26.55 31.44 16.85
CA CYS E 444 27.84 31.67 16.21
C CYS E 444 28.95 31.20 17.12
N PHE E 445 29.88 30.39 16.59
CA PHE E 445 31.04 29.89 17.39
C PHE E 445 31.80 31.08 17.97
#